data_3ABV
#
_entry.id   3ABV
#
_cell.length_a   71.702
_cell.length_b   84.170
_cell.length_c   294.432
_cell.angle_alpha   90.00
_cell.angle_beta   90.00
_cell.angle_gamma   90.00
#
_symmetry.space_group_name_H-M   'P 21 21 21'
#
loop_
_entity.id
_entity.type
_entity.pdbx_description
1 polymer 'Succinate dehydrogenase [ubiquinone] flavoprotein subunit, mitochondrial'
2 polymer 'Succinate dehydrogenase [ubiquinone] iron-sulfur subunit, mitochondrial'
3 polymer 'Succinate dehydrogenase cytochrome b560 subunit, mitochondrial'
4 polymer 'Succinate dehydrogenase [ubiquinone] cytochrome b small subunit, mitochondrial'
5 non-polymer 'FLAVIN-ADENINE DINUCLEOTIDE'
6 non-polymer 'MALONATE ION'
7 non-polymer 'FE2/S2 (INORGANIC) CLUSTER'
8 non-polymer 'IRON/SULFUR CLUSTER'
9 non-polymer N-biphenyl-3-yl-2-(trifluoromethyl)benzamide
10 non-polymer 'FE3-S4 CLUSTER'
11 non-polymer 'PROTOPORPHYRIN IX CONTAINING FE'
12 non-polymer L-ALPHA-PHOSPHATIDYL-BETA-OLEOYL-GAMMA-PALMITOYL-PHOSPHATIDYLETHANOLAMINE
#
loop_
_entity_poly.entity_id
_entity_poly.type
_entity_poly.pdbx_seq_one_letter_code
_entity_poly.pdbx_strand_id
1 'polypeptide(L)'
;SSAKVSDAISTQYPVVDHEFDAVVVGAGGAGLRAAFGLSEAGFNTACVTKLFPTRSHTVAAQGGINAALGNMEEDNWRWH
FYDTVKGSDWLGDQDAIHYMTEQAPASVVELENYGMPFSRTEDGKIYQRAFGGQSLKFGKGGQAHRCCCVADRTGHSLLH
TLYGRSLRYDTSYFVEYFALDLLMENGECRGVIALCIEDGSIHRIRARNTVVATGGYGRTYFSCTSAHTSTGDGTAMVTR
AGLPCQDLEFVQFHPTGIYGAGCLITEGCRGEGGILINSQGERFMERYAPVAKDLASRDVVSRSMTLEIREGRGCGPEKD
HVYLQLHHLPPEQLAVRLPGISETAMIFAGVDVTKEPIPVLPTVHYNMGGIPTNYKGQVLRHVNGQDQVVPGLYACGEAA
CASVHGANRLGANSLLDLVVFGRACALSIAESCRPGDKVPSIKPNAGEESVMNLDKLRFANGTIRTSELRLSMQKSMQSH
AAVFRVGSVLQEGCEKILRLYGDLQHLKTFDRGMVWNTDLVETLELQNLMLCALQTIYGAEARKESRGAHAREDFKERVD
EYDYSKPIQGQQKKPFQEHWRKHTLSYVDVKTGKVSLEYRPVIDKTLNEADCATVPPAIRSY
;
A
2 'polypeptide(L)'
;AQTAAATAPRIKKFAIYRWDPDKTGDKPHMQTYEIDLNNCGPMVLDALIKIKNEIDSTLTFRRSCREGICGSCAMNINGG
NTLACTRRIDTNLDKVSKIYPLPHMYVIKDLVPDLSNFYAQYKSIEPYLKKKDESQEGKQQYLQSIEEREKLDGLYECIL
CACCSTSCPSYWWNGDKYLGPAVLMQAYRWMIDSRDDFTEERLAKLQDPFSLYRCHTIMNCTGTCPKGLNPGKAIAEIKK
MMATYKEKKASA
;
B
3 'polypeptide(L)'
;LGTTAKEEMERFWNKNLGSNRPLSPHITIYRWSLPMAMSICHRGTGIALSAGVSLFGLSALLLPGNFESHLELVKSLCLG
PTLIYTAKFGIVFPLMYHTWNGIRHLIWDLGKGLTIPQLTQSGVVVLILTVLSSVGLAAM
;
C
4 'polypeptide(L)'
;ASSKAASLHWTGERVVSVLLLGLLPAAYLNPCSAMDYSLAAALTLHGHWGIGQVVTDYVRGDALQKAAKAGLLALSAFTF
AGLCYFNYHDVGICKAVAMLWKL
;
D
#
loop_
_chem_comp.id
_chem_comp.type
_chem_comp.name
_chem_comp.formula
EPH non-polymer L-ALPHA-PHOSPHATIDYL-BETA-OLEOYL-GAMMA-PALMITOYL-PHOSPHATIDYLETHANOLAMINE 'C39 H68 N O8 P'
F3S non-polymer 'FE3-S4 CLUSTER' 'Fe3 S4'
F6A non-polymer N-biphenyl-3-yl-2-(trifluoromethyl)benzamide 'C20 H14 F3 N O'
FAD non-polymer 'FLAVIN-ADENINE DINUCLEOTIDE' 'C27 H33 N9 O15 P2'
FES non-polymer 'FE2/S2 (INORGANIC) CLUSTER' 'Fe2 S2'
HEM non-polymer 'PROTOPORPHYRIN IX CONTAINING FE' 'C34 H32 Fe N4 O4'
MLI non-polymer 'MALONATE ION' 'C3 H2 O4 -2'
SF4 non-polymer 'IRON/SULFUR CLUSTER' 'Fe4 S4'
#
# COMPACT_ATOMS: atom_id res chain seq x y z
N SER A 10 -6.08 34.54 -7.74
CA SER A 10 -6.23 35.99 -8.05
C SER A 10 -7.68 36.42 -7.78
N THR A 11 -8.04 36.44 -6.49
CA THR A 11 -9.43 36.63 -6.02
C THR A 11 -10.24 35.33 -6.19
N GLN A 12 -9.67 34.39 -6.93
CA GLN A 12 -10.28 33.09 -7.17
C GLN A 12 -9.66 32.05 -6.25
N TYR A 13 -8.36 32.21 -5.99
CA TYR A 13 -7.57 31.20 -5.28
C TYR A 13 -7.10 31.64 -3.88
N PRO A 14 -7.48 30.88 -2.84
CA PRO A 14 -7.01 31.14 -1.49
C PRO A 14 -5.51 30.85 -1.34
N VAL A 15 -4.73 31.90 -1.06
CA VAL A 15 -3.29 31.76 -0.82
C VAL A 15 -2.99 31.56 0.67
N VAL A 16 -2.48 30.38 1.02
CA VAL A 16 -2.19 30.05 2.42
C VAL A 16 -0.69 29.81 2.64
N ASP A 17 -0.05 30.73 3.39
CA ASP A 17 1.38 30.68 3.62
C ASP A 17 1.75 29.89 4.88
N HIS A 18 2.62 28.89 4.72
CA HIS A 18 3.12 28.07 5.82
C HIS A 18 4.60 28.38 6.04
N GLU A 19 5.04 28.36 7.30
CA GLU A 19 6.45 28.59 7.61
C GLU A 19 7.10 27.36 8.26
N PHE A 20 8.24 26.94 7.72
CA PHE A 20 8.95 25.76 8.20
C PHE A 20 10.46 25.92 8.14
N ASP A 21 11.17 25.03 8.83
CA ASP A 21 12.63 24.99 8.74
C ASP A 21 13.07 24.33 7.45
N ALA A 22 12.37 23.24 7.08
CA ALA A 22 12.71 22.43 5.92
C ALA A 22 11.46 21.80 5.28
N VAL A 23 11.48 21.69 3.95
CA VAL A 23 10.42 21.00 3.21
C VAL A 23 10.99 19.83 2.44
N VAL A 24 10.40 18.66 2.63
CA VAL A 24 10.71 17.50 1.79
C VAL A 24 9.51 17.29 0.85
N VAL A 25 9.80 17.22 -0.44
CA VAL A 25 8.77 16.93 -1.44
C VAL A 25 8.96 15.50 -1.91
N GLY A 26 8.10 14.61 -1.40
CA GLY A 26 8.19 13.17 -1.67
C GLY A 26 8.07 12.32 -0.42
N ALA A 27 7.10 11.41 -0.41
CA ALA A 27 6.94 10.51 0.73
C ALA A 27 7.24 9.06 0.36
N GLY A 28 8.17 8.87 -0.57
CA GLY A 28 8.66 7.54 -0.90
C GLY A 28 9.61 7.04 0.16
N GLY A 29 10.55 6.18 -0.23
CA GLY A 29 11.56 5.65 0.67
C GLY A 29 12.51 6.75 1.09
N ALA A 30 13.11 7.40 0.09
CA ALA A 30 14.02 8.51 0.29
C ALA A 30 13.31 9.66 1.01
N GLY A 31 12.14 10.02 0.49
CA GLY A 31 11.34 11.10 1.05
C GLY A 31 11.18 11.01 2.56
N LEU A 32 10.62 9.89 3.01
CA LEU A 32 10.40 9.61 4.44
C LEU A 32 11.66 9.70 5.29
N ARG A 33 12.70 8.94 4.91
CA ARG A 33 13.97 8.92 5.64
C ARG A 33 14.56 10.32 5.78
N ALA A 34 14.50 11.09 4.69
CA ALA A 34 14.88 12.49 4.69
C ALA A 34 13.96 13.29 5.61
N ALA A 35 12.66 13.10 5.44
CA ALA A 35 11.64 13.83 6.21
C ALA A 35 11.82 13.67 7.72
N PHE A 36 11.71 12.44 8.23
CA PHE A 36 11.79 12.21 9.68
C PHE A 36 13.22 12.29 10.21
N GLY A 37 14.20 12.13 9.32
CA GLY A 37 15.60 12.34 9.67
C GLY A 37 15.87 13.80 10.04
N LEU A 38 15.21 14.70 9.31
CA LEU A 38 15.26 16.12 9.60
C LEU A 38 14.60 16.46 10.93
N SER A 39 13.41 15.91 11.17
CA SER A 39 12.68 16.13 12.42
C SER A 39 13.43 15.59 13.64
N GLU A 40 14.17 14.50 13.44
CA GLU A 40 14.98 13.86 14.48
C GLU A 40 16.11 14.79 14.92
N ALA A 41 16.69 15.51 13.97
CA ALA A 41 17.72 16.50 14.25
C ALA A 41 17.12 17.78 14.83
N GLY A 42 15.83 17.73 15.15
CA GLY A 42 15.12 18.83 15.80
C GLY A 42 14.70 19.95 14.87
N PHE A 43 14.38 19.59 13.63
CA PHE A 43 13.95 20.56 12.62
C PHE A 43 12.44 20.54 12.39
N ASN A 44 11.84 21.73 12.35
CA ASN A 44 10.43 21.86 12.03
C ASN A 44 10.20 21.56 10.55
N THR A 45 9.89 20.30 10.26
CA THR A 45 9.85 19.80 8.88
C THR A 45 8.42 19.55 8.34
N ALA A 46 8.18 19.97 7.10
CA ALA A 46 6.97 19.61 6.37
C ALA A 46 7.29 18.59 5.29
N CYS A 47 6.38 17.65 5.07
CA CYS A 47 6.55 16.67 3.99
C CYS A 47 5.35 16.70 3.04
N VAL A 48 5.60 17.12 1.81
CA VAL A 48 4.54 17.30 0.82
C VAL A 48 4.52 16.12 -0.14
N THR A 49 3.37 15.48 -0.26
CA THR A 49 3.23 14.28 -1.08
C THR A 49 1.85 14.19 -1.73
N LYS A 50 1.84 13.81 -3.01
CA LYS A 50 0.60 13.74 -3.79
C LYS A 50 -0.12 12.41 -3.64
N LEU A 51 0.47 11.51 -2.86
CA LEU A 51 -0.16 10.25 -2.49
C LEU A 51 -0.07 10.11 -1.00
N PHE A 52 -0.88 9.21 -0.42
CA PHE A 52 -0.62 8.78 0.94
C PHE A 52 0.72 8.03 0.93
N PRO A 53 1.61 8.32 1.91
CA PRO A 53 2.97 7.78 1.91
C PRO A 53 3.11 6.29 1.57
N THR A 54 2.25 5.44 2.11
CA THR A 54 2.25 4.02 1.78
C THR A 54 2.04 3.72 0.29
N ARG A 55 1.26 4.55 -0.39
CA ARG A 55 0.90 4.31 -1.79
C ARG A 55 2.03 4.63 -2.77
N SER A 56 3.10 5.26 -2.27
CA SER A 56 4.26 5.65 -3.09
C SER A 56 4.88 4.44 -3.75
N HIS A 57 5.45 4.53 -4.93
CA HIS A 57 5.95 3.31 -5.59
C HIS A 57 6.72 2.33 -4.77
N THR A 58 7.51 2.83 -3.87
CA THR A 58 8.61 2.01 -3.39
C THR A 58 7.95 0.78 -2.76
N VAL A 59 6.62 0.76 -2.66
CA VAL A 59 5.91 -0.45 -2.23
C VAL A 59 6.05 -1.58 -3.24
N ALA A 60 6.08 -1.21 -4.51
CA ALA A 60 6.20 -2.18 -5.60
C ALA A 60 7.54 -2.92 -5.59
N ALA A 61 8.48 -2.45 -4.77
CA ALA A 61 9.80 -3.04 -4.68
C ALA A 61 9.76 -4.50 -4.22
N GLN A 62 10.67 -5.30 -4.79
CA GLN A 62 10.54 -6.75 -4.76
C GLN A 62 11.83 -7.51 -4.45
N GLY A 63 12.91 -7.18 -5.17
CA GLY A 63 14.17 -7.92 -5.08
C GLY A 63 14.81 -7.85 -3.70
N GLY A 64 15.41 -6.71 -3.40
CA GLY A 64 16.00 -6.48 -2.08
C GLY A 64 16.72 -5.16 -1.97
N ILE A 65 17.48 -5.03 -0.88
CA ILE A 65 18.29 -3.84 -0.62
C ILE A 65 19.72 -4.29 -0.30
N ASN A 66 20.68 -3.84 -1.10
CA ASN A 66 22.06 -4.31 -0.99
C ASN A 66 22.84 -3.73 0.19
N ALA A 67 23.47 -4.61 0.95
CA ALA A 67 24.39 -4.24 2.02
C ALA A 67 25.38 -5.36 2.17
N ALA A 68 26.66 -5.01 2.31
CA ALA A 68 27.70 -6.01 2.46
C ALA A 68 27.77 -6.51 3.90
N LEU A 69 26.64 -6.99 4.40
CA LEU A 69 26.54 -7.47 5.77
C LEU A 69 27.37 -8.73 6.00
N GLY A 70 27.71 -9.41 4.89
CA GLY A 70 28.45 -10.65 4.94
C GLY A 70 27.71 -11.67 5.77
N ASN A 71 26.45 -11.88 5.43
CA ASN A 71 25.60 -12.79 6.18
C ASN A 71 25.66 -14.25 5.70
N MET A 72 25.77 -14.43 4.39
CA MET A 72 25.81 -15.76 3.78
C MET A 72 27.24 -16.29 3.66
N GLU A 73 28.16 -15.40 3.30
CA GLU A 73 29.60 -15.71 3.21
C GLU A 73 30.37 -14.52 3.79
N GLU A 74 31.71 -14.50 3.66
CA GLU A 74 32.47 -13.31 4.02
C GLU A 74 32.42 -12.25 2.91
N ASP A 75 32.16 -11.00 3.29
CA ASP A 75 31.98 -9.93 2.32
C ASP A 75 32.77 -8.70 2.75
N ASN A 76 32.97 -7.78 1.81
CA ASN A 76 33.64 -6.51 2.06
C ASN A 76 32.88 -5.45 1.28
N TRP A 77 32.55 -4.35 1.94
CA TRP A 77 31.78 -3.29 1.30
C TRP A 77 32.51 -2.75 0.08
N ARG A 78 33.84 -2.80 0.12
CA ARG A 78 34.66 -2.32 -0.99
C ARG A 78 34.45 -3.15 -2.25
N TRP A 79 34.03 -4.41 -2.08
CA TRP A 79 33.69 -5.26 -3.21
C TRP A 79 32.39 -4.79 -3.84
N HIS A 80 31.45 -4.41 -2.97
CA HIS A 80 30.18 -3.82 -3.40
C HIS A 80 30.46 -2.49 -4.11
N PHE A 81 31.45 -1.74 -3.62
CA PHE A 81 31.90 -0.53 -4.30
C PHE A 81 32.28 -0.86 -5.74
N TYR A 82 33.24 -1.76 -5.92
CA TYR A 82 33.73 -2.11 -7.26
C TYR A 82 32.59 -2.51 -8.20
N ASP A 83 31.66 -3.30 -7.67
CA ASP A 83 30.55 -3.82 -8.48
C ASP A 83 29.67 -2.72 -9.08
N THR A 84 29.30 -1.75 -8.24
CA THR A 84 28.41 -0.65 -8.65
C THR A 84 29.08 0.27 -9.68
N VAL A 85 30.36 0.56 -9.47
CA VAL A 85 31.10 1.42 -10.39
C VAL A 85 31.31 0.72 -11.74
N LYS A 86 31.63 -0.57 -11.70
CA LYS A 86 31.68 -1.35 -12.93
C LYS A 86 30.30 -1.27 -13.59
N GLY A 87 29.28 -1.65 -12.83
CA GLY A 87 27.89 -1.56 -13.28
C GLY A 87 27.56 -0.23 -13.91
N SER A 88 28.03 0.86 -13.28
CA SER A 88 27.74 2.22 -13.74
C SER A 88 28.34 2.55 -15.10
N ASP A 89 29.15 1.64 -15.62
CA ASP A 89 29.88 1.80 -16.89
C ASP A 89 30.75 3.05 -16.91
N TRP A 90 31.36 3.33 -15.75
CA TRP A 90 32.27 4.47 -15.54
C TRP A 90 31.69 5.86 -15.86
N LEU A 91 30.37 5.97 -15.70
CA LEU A 91 29.70 7.26 -15.71
C LEU A 91 29.27 7.58 -14.29
N GLY A 92 29.37 6.59 -13.41
CA GLY A 92 29.03 6.74 -12.01
C GLY A 92 30.12 7.43 -11.21
N ASP A 93 29.74 8.51 -10.52
CA ASP A 93 30.67 9.30 -9.71
C ASP A 93 31.09 8.54 -8.47
N GLN A 94 32.37 8.19 -8.41
CA GLN A 94 32.87 7.23 -7.43
C GLN A 94 32.85 7.73 -5.99
N ASP A 95 32.91 9.04 -5.81
CA ASP A 95 32.83 9.64 -4.47
C ASP A 95 31.51 9.30 -3.78
N ALA A 96 30.43 9.36 -4.55
CA ALA A 96 29.09 9.01 -4.08
C ALA A 96 28.95 7.50 -3.84
N ILE A 97 29.55 6.70 -4.73
CA ILE A 97 29.48 5.23 -4.65
C ILE A 97 30.28 4.68 -3.45
N HIS A 98 31.40 5.32 -3.16
CA HIS A 98 32.14 5.05 -1.93
C HIS A 98 31.18 5.27 -0.77
N TYR A 99 30.65 6.49 -0.65
CA TYR A 99 29.79 6.89 0.47
C TYR A 99 28.60 5.95 0.67
N MET A 100 27.99 5.54 -0.44
CA MET A 100 26.81 4.70 -0.39
C MET A 100 27.14 3.29 0.09
N THR A 101 28.16 2.67 -0.52
CA THR A 101 28.50 1.28 -0.22
C THR A 101 29.13 1.09 1.16
N GLU A 102 29.85 2.10 1.64
CA GLU A 102 30.35 2.11 3.01
C GLU A 102 29.20 2.17 3.99
N GLN A 103 28.24 3.05 3.71
CA GLN A 103 27.08 3.25 4.59
C GLN A 103 26.08 2.09 4.49
N ALA A 104 26.18 1.32 3.42
CA ALA A 104 25.23 0.24 3.13
C ALA A 104 24.85 -0.60 4.36
N PRO A 105 25.82 -1.26 5.03
CA PRO A 105 25.46 -2.14 6.13
C PRO A 105 24.83 -1.36 7.29
N ALA A 106 25.41 -0.23 7.63
CA ALA A 106 24.90 0.63 8.71
C ALA A 106 23.44 1.06 8.46
N SER A 107 23.14 1.38 7.19
CA SER A 107 21.80 1.84 6.80
C SER A 107 20.76 0.73 6.81
N VAL A 108 21.15 -0.46 6.35
CA VAL A 108 20.26 -1.63 6.34
C VAL A 108 19.98 -2.13 7.75
N VAL A 109 21.02 -2.16 8.59
CA VAL A 109 20.85 -2.48 10.01
C VAL A 109 19.87 -1.49 10.65
N GLU A 110 20.04 -0.22 10.35
CA GLU A 110 19.15 0.82 10.86
C GLU A 110 17.68 0.47 10.59
N LEU A 111 17.42 -0.04 9.39
CA LEU A 111 16.07 -0.44 8.97
C LEU A 111 15.55 -1.66 9.70
N GLU A 112 16.40 -2.67 9.87
CA GLU A 112 16.01 -3.89 10.59
C GLU A 112 15.72 -3.52 12.03
N ASN A 113 16.54 -2.63 12.58
CA ASN A 113 16.35 -2.16 13.94
C ASN A 113 15.08 -1.35 14.13
N TYR A 114 14.60 -0.77 13.04
CA TYR A 114 13.32 -0.07 13.02
C TYR A 114 12.14 -1.04 13.10
N GLY A 115 12.36 -2.28 12.69
CA GLY A 115 11.32 -3.30 12.72
C GLY A 115 10.96 -3.90 11.36
N MET A 116 11.77 -3.61 10.34
CA MET A 116 11.57 -4.20 9.02
C MET A 116 11.70 -5.71 9.13
N PRO A 117 10.69 -6.45 8.65
CA PRO A 117 10.63 -7.90 8.89
C PRO A 117 11.46 -8.73 7.90
N PHE A 118 12.75 -8.45 7.79
CA PHE A 118 13.64 -9.20 6.90
C PHE A 118 13.50 -10.71 7.10
N SER A 119 13.52 -11.45 5.99
CA SER A 119 13.52 -12.91 6.05
C SER A 119 14.81 -13.37 6.71
N ARG A 120 14.78 -14.50 7.38
CA ARG A 120 15.93 -14.92 8.19
C ARG A 120 16.64 -16.16 7.67
N THR A 121 17.81 -16.42 8.24
CA THR A 121 18.63 -17.58 7.88
C THR A 121 18.68 -18.58 9.02
N GLU A 122 19.64 -19.49 8.94
CA GLU A 122 19.87 -20.48 9.98
C GLU A 122 20.41 -19.81 11.25
N ASP A 123 21.31 -18.85 11.05
CA ASP A 123 21.92 -18.08 12.13
C ASP A 123 20.94 -17.15 12.84
N GLY A 124 19.88 -16.76 12.13
CA GLY A 124 18.92 -15.80 12.64
C GLY A 124 19.24 -14.40 12.16
N LYS A 125 20.18 -14.31 11.23
CA LYS A 125 20.59 -13.05 10.62
C LYS A 125 19.75 -12.74 9.38
N ILE A 126 19.93 -11.53 8.83
CA ILE A 126 19.20 -11.12 7.63
C ILE A 126 19.60 -11.98 6.45
N TYR A 127 18.58 -12.47 5.72
CA TYR A 127 18.78 -13.28 4.52
C TYR A 127 19.19 -12.42 3.32
N GLN A 128 20.35 -12.73 2.76
CA GLN A 128 20.86 -12.07 1.57
C GLN A 128 20.81 -13.01 0.38
N ARG A 129 20.53 -12.48 -0.82
CA ARG A 129 20.52 -13.32 -2.02
C ARG A 129 21.34 -12.80 -3.20
N ALA A 130 21.65 -13.71 -4.13
CA ALA A 130 22.37 -13.36 -5.35
C ALA A 130 21.52 -12.45 -6.24
N PHE A 131 22.18 -11.56 -6.96
CA PHE A 131 21.49 -10.62 -7.84
C PHE A 131 22.39 -10.27 -9.01
N GLY A 132 21.77 -9.75 -10.08
CA GLY A 132 22.47 -9.40 -11.29
C GLY A 132 23.52 -8.32 -11.11
N GLY A 133 24.78 -8.68 -11.43
CA GLY A 133 25.89 -7.72 -11.49
C GLY A 133 26.87 -7.69 -10.34
N GLN A 134 26.68 -8.58 -9.36
CA GLN A 134 27.49 -8.55 -8.13
C GLN A 134 28.49 -9.69 -8.04
N SER A 135 29.60 -9.42 -7.34
CA SER A 135 30.75 -10.31 -7.27
C SER A 135 31.47 -10.21 -5.93
N LEU A 136 32.31 -11.20 -5.64
CA LEU A 136 33.23 -11.16 -4.52
C LEU A 136 34.64 -10.89 -5.03
N LYS A 137 35.53 -10.46 -4.13
CA LYS A 137 36.94 -10.25 -4.45
C LYS A 137 37.16 -9.41 -5.72
N PHE A 138 36.51 -8.24 -5.78
CA PHE A 138 36.62 -7.29 -6.89
C PHE A 138 36.45 -7.93 -8.27
N GLY A 139 35.46 -8.81 -8.41
CA GLY A 139 35.19 -9.47 -9.70
C GLY A 139 35.79 -10.85 -9.82
N LYS A 140 36.93 -11.08 -9.18
CA LYS A 140 37.68 -12.33 -9.32
C LYS A 140 37.13 -13.51 -8.50
N GLY A 141 36.13 -13.26 -7.66
CA GLY A 141 35.70 -14.27 -6.69
C GLY A 141 34.34 -14.93 -6.85
N GLY A 142 33.73 -14.77 -8.03
CA GLY A 142 32.43 -15.40 -8.32
C GLY A 142 31.24 -14.63 -7.80
N GLN A 143 30.06 -15.25 -7.85
CA GLN A 143 28.80 -14.58 -7.49
C GLN A 143 28.69 -14.23 -6.01
N ALA A 144 28.19 -13.00 -5.75
CA ALA A 144 28.02 -12.48 -4.40
C ALA A 144 26.58 -12.59 -3.91
N HIS A 145 26.42 -12.83 -2.60
CA HIS A 145 25.11 -12.96 -1.98
C HIS A 145 24.92 -11.83 -0.94
N ARG A 146 24.47 -10.66 -1.41
CA ARG A 146 24.33 -9.49 -0.53
C ARG A 146 23.05 -8.68 -0.72
N CYS A 147 22.01 -9.33 -1.22
CA CYS A 147 20.74 -8.66 -1.44
C CYS A 147 19.80 -8.94 -0.28
N CYS A 148 19.76 -8.01 0.67
CA CYS A 148 18.91 -8.13 1.85
C CYS A 148 17.44 -7.97 1.48
N CYS A 149 16.59 -8.90 1.90
CA CYS A 149 15.22 -8.94 1.39
C CYS A 149 14.14 -9.42 2.37
N VAL A 150 13.01 -8.72 2.35
CA VAL A 150 11.80 -9.20 3.03
C VAL A 150 11.02 -10.04 2.01
N ALA A 151 11.44 -11.28 1.86
CA ALA A 151 10.84 -12.22 0.90
C ALA A 151 10.81 -11.49 -0.44
N ASP A 152 9.66 -11.58 -1.10
CA ASP A 152 9.43 -11.00 -2.41
C ASP A 152 8.91 -9.56 -2.38
N ARG A 153 8.65 -9.08 -1.17
CA ARG A 153 7.93 -7.81 -0.94
C ARG A 153 8.82 -6.83 -0.17
N THR A 154 10.10 -6.81 -0.52
CA THR A 154 11.09 -6.08 0.27
C THR A 154 10.87 -4.55 0.29
N GLY A 155 10.22 -4.01 -0.73
CA GLY A 155 9.96 -2.58 -0.81
C GLY A 155 8.76 -2.19 0.03
N HIS A 156 7.64 -2.88 -0.20
CA HIS A 156 6.45 -2.76 0.64
C HIS A 156 6.80 -2.65 2.14
N SER A 157 7.62 -3.59 2.63
CA SER A 157 8.05 -3.57 4.03
C SER A 157 8.98 -2.41 4.36
N LEU A 158 9.89 -2.10 3.45
CA LEU A 158 10.77 -0.95 3.61
C LEU A 158 9.97 0.34 3.78
N LEU A 159 8.98 0.53 2.91
CA LEU A 159 8.18 1.74 2.95
C LEU A 159 7.29 1.80 4.19
N HIS A 160 6.71 0.65 4.54
CA HIS A 160 5.80 0.59 5.68
C HIS A 160 6.49 0.78 7.00
N THR A 161 7.72 0.29 7.14
CA THR A 161 8.43 0.51 8.41
C THR A 161 8.98 1.93 8.52
N LEU A 162 9.44 2.48 7.39
CA LEU A 162 9.88 3.87 7.38
C LEU A 162 8.73 4.80 7.73
N TYR A 163 7.54 4.47 7.22
CA TYR A 163 6.34 5.24 7.56
C TYR A 163 5.94 5.01 9.03
N GLY A 164 6.02 3.78 9.50
CA GLY A 164 5.74 3.48 10.90
C GLY A 164 6.58 4.36 11.78
N ARG A 165 7.89 4.35 11.55
CA ARG A 165 8.84 5.19 12.24
C ARG A 165 8.50 6.66 12.15
N SER A 166 8.15 7.09 10.94
CA SER A 166 7.91 8.50 10.65
C SER A 166 6.87 9.13 11.58
N LEU A 167 6.10 8.28 12.24
CA LEU A 167 5.00 8.69 13.10
C LEU A 167 5.44 9.07 14.51
N ARG A 168 6.71 8.87 14.82
CA ARG A 168 7.26 9.17 16.14
C ARG A 168 7.62 10.65 16.31
N TYR A 169 7.67 11.38 15.20
CA TYR A 169 8.13 12.77 15.22
C TYR A 169 7.04 13.75 14.80
N ASP A 170 7.24 15.03 15.13
CA ASP A 170 6.24 16.07 14.87
C ASP A 170 6.34 16.67 13.46
N THR A 171 6.72 15.85 12.49
CA THR A 171 6.76 16.24 11.08
C THR A 171 5.35 16.52 10.58
N SER A 172 5.18 17.58 9.77
CA SER A 172 3.88 17.95 9.21
C SER A 172 3.65 17.36 7.81
N TYR A 173 2.79 16.35 7.73
CA TYR A 173 2.54 15.68 6.45
C TYR A 173 1.38 16.29 5.66
N PHE A 174 1.72 17.03 4.60
CA PHE A 174 0.73 17.55 3.67
C PHE A 174 0.31 16.43 2.71
N VAL A 175 -0.63 15.60 3.17
CA VAL A 175 -1.04 14.40 2.45
C VAL A 175 -1.95 14.73 1.28
N GLU A 176 -1.62 14.17 0.12
CA GLU A 176 -2.32 14.41 -1.14
C GLU A 176 -2.37 15.89 -1.50
N TYR A 177 -1.16 16.45 -1.61
CA TYR A 177 -0.89 17.79 -2.11
C TYR A 177 0.05 17.67 -3.29
N PHE A 178 -0.37 18.17 -4.44
CA PHE A 178 0.46 18.16 -5.66
C PHE A 178 1.37 19.39 -5.68
N ALA A 179 2.67 19.16 -5.61
CA ALA A 179 3.65 20.24 -5.65
C ALA A 179 3.79 20.73 -7.08
N LEU A 180 3.58 22.03 -7.27
CA LEU A 180 3.54 22.62 -8.61
C LEU A 180 4.90 23.12 -9.07
N ASP A 181 5.55 23.94 -8.25
CA ASP A 181 6.84 24.56 -8.58
C ASP A 181 7.69 24.81 -7.34
N LEU A 182 8.98 25.08 -7.57
CA LEU A 182 9.88 25.55 -6.53
C LEU A 182 9.62 27.02 -6.30
N LEU A 183 9.77 27.46 -5.05
CA LEU A 183 9.81 28.89 -4.79
C LEU A 183 11.26 29.34 -4.92
N MET A 184 11.51 30.16 -5.93
CA MET A 184 12.88 30.53 -6.26
C MET A 184 13.08 32.02 -6.20
N GLU A 185 14.14 32.44 -5.50
CA GLU A 185 14.53 33.85 -5.50
C GLU A 185 16.06 34.00 -5.59
N ASN A 186 16.50 34.51 -6.75
CA ASN A 186 17.90 34.80 -7.03
C ASN A 186 18.83 33.61 -6.83
N GLY A 187 18.55 32.54 -7.58
CA GLY A 187 19.38 31.34 -7.57
C GLY A 187 19.18 30.46 -6.34
N GLU A 188 18.45 30.98 -5.36
CA GLU A 188 18.24 30.28 -4.09
C GLU A 188 16.81 29.74 -3.95
N CYS A 189 16.70 28.60 -3.28
CA CYS A 189 15.40 27.96 -3.11
C CYS A 189 14.77 28.34 -1.78
N ARG A 190 13.48 28.67 -1.85
CA ARG A 190 12.75 29.20 -0.71
C ARG A 190 11.65 28.28 -0.26
N GLY A 191 11.34 27.26 -1.06
CA GLY A 191 10.31 26.29 -0.72
C GLY A 191 9.56 25.74 -1.92
N VAL A 192 8.27 25.46 -1.72
CA VAL A 192 7.39 24.95 -2.79
C VAL A 192 5.99 25.55 -2.73
N ILE A 193 5.46 25.88 -3.91
CA ILE A 193 4.04 26.21 -4.05
C ILE A 193 3.32 24.94 -4.49
N ALA A 194 2.16 24.66 -3.89
CA ALA A 194 1.48 23.39 -4.13
C ALA A 194 -0.04 23.50 -4.16
N LEU A 195 -0.66 22.63 -4.95
CA LEU A 195 -2.11 22.47 -4.97
C LEU A 195 -2.51 21.40 -3.97
N CYS A 196 -3.44 21.75 -3.08
CA CYS A 196 -4.08 20.81 -2.19
C CYS A 196 -5.27 20.20 -2.94
N ILE A 197 -5.13 18.93 -3.34
CA ILE A 197 -6.15 18.22 -4.11
C ILE A 197 -7.50 18.23 -3.40
N GLU A 198 -7.44 18.21 -2.07
CA GLU A 198 -8.60 18.01 -1.19
C GLU A 198 -9.70 19.09 -1.34
N ASP A 199 -9.30 20.33 -1.63
CA ASP A 199 -10.25 21.45 -1.71
C ASP A 199 -9.87 22.51 -2.76
N GLY A 200 -8.90 22.16 -3.60
CA GLY A 200 -8.47 23.03 -4.70
C GLY A 200 -7.71 24.29 -4.28
N SER A 201 -7.35 24.37 -3.00
CA SER A 201 -6.65 25.56 -2.49
C SER A 201 -5.15 25.53 -2.82
N ILE A 202 -4.53 26.71 -2.73
CA ILE A 202 -3.11 26.86 -3.07
C ILE A 202 -2.27 27.27 -1.87
N HIS A 203 -1.24 26.47 -1.55
CA HIS A 203 -0.42 26.69 -0.38
C HIS A 203 1.04 26.94 -0.72
N ARG A 204 1.57 28.05 -0.21
CA ARG A 204 2.99 28.39 -0.34
C ARG A 204 3.71 27.97 0.93
N ILE A 205 4.43 26.86 0.86
CA ILE A 205 5.20 26.35 1.99
C ILE A 205 6.64 26.82 1.84
N ARG A 206 7.09 27.69 2.74
CA ARG A 206 8.45 28.23 2.68
C ARG A 206 9.39 27.70 3.76
N ALA A 207 10.65 27.52 3.41
CA ALA A 207 11.68 26.98 4.30
C ALA A 207 13.10 27.35 3.87
N ARG A 208 14.04 27.24 4.81
CA ARG A 208 15.46 27.49 4.54
C ARG A 208 16.03 26.43 3.58
N ASN A 209 15.67 25.18 3.81
CA ASN A 209 16.11 24.08 2.95
C ASN A 209 14.94 23.27 2.40
N THR A 210 15.13 22.78 1.18
CA THR A 210 14.10 22.10 0.42
C THR A 210 14.68 20.82 -0.19
N VAL A 211 14.02 19.69 0.08
CA VAL A 211 14.49 18.39 -0.41
C VAL A 211 13.53 17.85 -1.45
N VAL A 212 14.05 17.50 -2.63
CA VAL A 212 13.24 16.95 -3.71
C VAL A 212 13.48 15.44 -3.80
N ALA A 213 12.44 14.67 -3.48
CA ALA A 213 12.52 13.21 -3.53
C ALA A 213 11.30 12.61 -4.22
N THR A 214 11.05 13.05 -5.46
CA THR A 214 9.79 12.80 -6.15
C THR A 214 9.79 11.58 -7.07
N GLY A 215 10.86 10.78 -7.01
CA GLY A 215 10.95 9.57 -7.82
C GLY A 215 11.01 9.75 -9.33
N GLY A 216 10.92 8.62 -10.04
CA GLY A 216 11.18 8.57 -11.48
C GLY A 216 10.10 9.09 -12.40
N TYR A 217 10.33 8.93 -13.69
CA TYR A 217 9.41 9.40 -14.73
C TYR A 217 9.10 8.32 -15.78
N GLY A 218 8.95 7.08 -15.30
CA GLY A 218 8.63 5.94 -16.16
C GLY A 218 7.43 6.13 -17.07
N ARG A 219 6.46 6.94 -16.63
CA ARG A 219 5.24 7.18 -17.39
C ARG A 219 5.44 8.05 -18.63
N THR A 220 6.70 8.27 -19.00
CA THR A 220 7.03 8.91 -20.27
C THR A 220 6.88 7.91 -21.43
N TYR A 221 6.94 6.63 -21.09
CA TYR A 221 6.85 5.52 -22.04
C TYR A 221 5.50 4.83 -22.02
N PHE A 222 5.21 4.03 -23.05
CA PHE A 222 3.94 3.32 -23.15
C PHE A 222 3.94 2.02 -22.35
N SER A 223 5.14 1.44 -22.15
CA SER A 223 5.28 0.22 -21.34
C SER A 223 6.29 0.43 -20.23
N CYS A 224 5.82 0.35 -18.98
CA CYS A 224 6.68 0.53 -17.82
C CYS A 224 6.22 -0.31 -16.63
N THR A 225 7.17 -0.73 -15.79
CA THR A 225 6.84 -1.40 -14.53
C THR A 225 6.32 -0.39 -13.51
N SER A 226 6.77 0.85 -13.67
CA SER A 226 6.48 1.95 -12.76
C SER A 226 5.00 2.34 -12.69
N ALA A 227 4.60 2.91 -11.55
CA ALA A 227 3.23 3.29 -11.25
C ALA A 227 2.69 4.39 -12.17
N HIS A 228 1.38 4.62 -12.11
CA HIS A 228 0.73 5.70 -12.84
C HIS A 228 1.15 7.10 -12.35
N THR A 229 1.76 7.14 -11.17
CA THR A 229 2.16 8.41 -10.53
C THR A 229 3.66 8.72 -10.70
N SER A 230 4.33 7.92 -11.53
CA SER A 230 5.76 8.09 -11.78
C SER A 230 5.91 9.06 -12.94
N THR A 231 5.66 10.34 -12.67
CA THR A 231 5.60 11.34 -13.75
C THR A 231 6.67 12.44 -13.67
N GLY A 232 7.76 12.17 -12.94
CA GLY A 232 8.89 13.09 -12.86
C GLY A 232 8.51 14.54 -12.60
N ASP A 233 7.92 14.77 -11.43
CA ASP A 233 7.32 16.06 -11.10
C ASP A 233 8.33 17.04 -10.48
N GLY A 234 9.28 16.52 -9.70
CA GLY A 234 10.36 17.34 -9.15
C GLY A 234 11.35 17.69 -10.24
N THR A 235 11.52 16.75 -11.16
CA THR A 235 12.35 16.95 -12.35
C THR A 235 11.86 18.16 -13.16
N ALA A 236 10.56 18.21 -13.41
CA ALA A 236 9.95 19.30 -14.16
C ALA A 236 10.06 20.62 -13.42
N MET A 237 9.99 20.57 -12.08
CA MET A 237 10.11 21.75 -11.23
C MET A 237 11.52 22.36 -11.26
N VAL A 238 12.52 21.48 -11.25
CA VAL A 238 13.92 21.88 -11.36
C VAL A 238 14.16 22.46 -12.75
N THR A 239 13.54 21.85 -13.76
CA THR A 239 13.65 22.31 -15.14
C THR A 239 13.05 23.71 -15.32
N ARG A 240 11.84 23.92 -14.79
CA ARG A 240 11.13 25.20 -14.89
C ARG A 240 11.86 26.34 -14.17
N ALA A 241 12.79 25.97 -13.29
CA ALA A 241 13.62 26.93 -12.57
C ALA A 241 14.86 27.31 -13.39
N GLY A 242 15.05 26.64 -14.53
CA GLY A 242 16.19 26.88 -15.41
C GLY A 242 17.41 26.09 -14.99
N LEU A 243 17.24 25.27 -13.97
CA LEU A 243 18.33 24.43 -13.47
C LEU A 243 18.49 23.20 -14.36
N PRO A 244 19.72 22.69 -14.46
CA PRO A 244 19.97 21.53 -15.32
C PRO A 244 19.50 20.21 -14.71
N CYS A 245 19.17 19.27 -15.59
CA CYS A 245 18.99 17.87 -15.21
C CYS A 245 20.18 17.08 -15.76
N GLN A 246 20.39 15.87 -15.24
CA GLN A 246 21.55 15.08 -15.62
C GLN A 246 21.21 13.68 -16.15
N ASP A 247 21.97 13.23 -17.15
CA ASP A 247 21.93 11.85 -17.65
C ASP A 247 20.54 11.30 -17.97
N LEU A 248 19.65 12.16 -18.43
CA LEU A 248 18.24 11.77 -18.60
C LEU A 248 18.00 10.74 -19.69
N GLU A 249 18.94 10.61 -20.62
CA GLU A 249 18.84 9.63 -21.70
C GLU A 249 19.04 8.20 -21.21
N PHE A 250 19.52 8.06 -19.98
CA PHE A 250 19.78 6.76 -19.39
C PHE A 250 18.54 6.24 -18.66
N VAL A 251 17.86 5.31 -19.33
CA VAL A 251 16.59 4.76 -18.89
C VAL A 251 16.75 3.24 -18.78
N GLN A 252 16.66 2.72 -17.56
CA GLN A 252 16.85 1.28 -17.34
C GLN A 252 15.66 0.46 -17.85
N PHE A 253 15.97 -0.45 -18.77
CA PHE A 253 15.02 -1.44 -19.24
C PHE A 253 15.21 -2.72 -18.45
N HIS A 254 14.33 -2.95 -17.48
CA HIS A 254 14.37 -4.16 -16.66
C HIS A 254 14.05 -5.36 -17.53
N PRO A 255 14.90 -6.40 -17.47
CA PRO A 255 14.75 -7.55 -18.35
C PRO A 255 13.41 -8.29 -18.18
N THR A 256 12.96 -8.45 -16.94
CA THR A 256 11.81 -9.33 -16.65
C THR A 256 10.54 -8.61 -16.18
N GLY A 257 9.88 -7.91 -17.11
CA GLY A 257 8.55 -7.34 -16.85
C GLY A 257 7.52 -8.21 -17.55
N ILE A 258 6.35 -8.40 -16.95
CA ILE A 258 5.30 -9.28 -17.50
C ILE A 258 4.79 -8.80 -18.88
N TYR A 259 4.42 -9.76 -19.73
CA TYR A 259 4.02 -9.45 -21.10
C TYR A 259 2.73 -8.64 -21.18
N GLY A 260 1.77 -8.97 -20.32
CA GLY A 260 0.47 -8.28 -20.29
C GLY A 260 0.53 -6.81 -19.90
N ALA A 261 0.27 -6.52 -18.62
CA ALA A 261 0.19 -5.14 -18.13
C ALA A 261 1.57 -4.55 -17.77
N GLY A 262 2.63 -5.31 -18.05
CA GLY A 262 4.00 -4.83 -17.88
C GLY A 262 4.48 -4.74 -16.45
N CYS A 263 3.78 -5.44 -15.55
CA CYS A 263 4.14 -5.47 -14.13
C CYS A 263 5.49 -6.11 -13.93
N LEU A 264 6.24 -5.63 -12.94
CA LEU A 264 7.56 -6.17 -12.67
C LEU A 264 7.51 -7.57 -12.07
N ILE A 265 8.34 -8.44 -12.62
CA ILE A 265 8.68 -9.71 -11.99
C ILE A 265 10.14 -9.61 -11.56
N THR A 266 10.39 -9.77 -10.26
CA THR A 266 11.70 -9.52 -9.66
C THR A 266 12.90 -10.19 -10.38
N GLU A 267 14.03 -9.50 -10.34
CA GLU A 267 15.32 -10.07 -10.77
C GLU A 267 15.75 -11.12 -9.73
N GLY A 268 15.16 -11.03 -8.54
CA GLY A 268 15.33 -12.04 -7.50
C GLY A 268 15.02 -13.44 -8.00
N CYS A 269 14.01 -13.55 -8.86
CA CYS A 269 13.69 -14.80 -9.56
C CYS A 269 14.95 -15.44 -10.13
N ARG A 270 15.74 -14.64 -10.87
CA ARG A 270 16.97 -15.10 -11.49
C ARG A 270 18.09 -15.39 -10.50
N GLY A 271 18.20 -14.54 -9.47
CA GLY A 271 19.18 -14.73 -8.41
C GLY A 271 18.91 -15.99 -7.59
N GLU A 272 17.66 -16.43 -7.57
CA GLU A 272 17.25 -17.65 -6.87
C GLU A 272 17.48 -18.90 -7.74
N GLY A 273 17.76 -18.68 -9.03
CA GLY A 273 18.03 -19.77 -9.97
C GLY A 273 17.16 -19.76 -11.22
N GLY A 274 16.41 -18.66 -11.41
CA GLY A 274 15.52 -18.50 -12.56
C GLY A 274 16.29 -18.34 -13.86
N ILE A 275 15.75 -18.93 -14.92
CA ILE A 275 16.44 -19.02 -16.21
C ILE A 275 15.65 -18.32 -17.32
N LEU A 276 16.36 -17.80 -18.32
CA LEU A 276 15.74 -17.15 -19.47
C LEU A 276 15.81 -18.02 -20.73
N ILE A 277 14.64 -18.28 -21.32
CA ILE A 277 14.48 -19.26 -22.42
C ILE A 277 13.84 -18.64 -23.69
N ASN A 278 14.44 -18.92 -24.85
CA ASN A 278 13.86 -18.54 -26.15
C ASN A 278 13.00 -19.65 -26.76
N SER A 279 12.58 -19.47 -28.02
CA SER A 279 11.65 -20.39 -28.67
C SER A 279 12.16 -21.82 -28.86
N GLN A 280 13.48 -21.99 -28.98
CA GLN A 280 14.07 -23.32 -29.20
C GLN A 280 14.54 -23.99 -27.90
N GLY A 281 14.21 -23.38 -26.76
CA GLY A 281 14.51 -23.95 -25.45
C GLY A 281 15.90 -23.70 -24.93
N GLU A 282 16.80 -23.28 -25.82
CA GLU A 282 18.19 -22.98 -25.48
C GLU A 282 18.27 -21.82 -24.48
N ARG A 283 19.00 -22.05 -23.38
CA ARG A 283 19.22 -21.02 -22.36
C ARG A 283 20.06 -19.89 -22.93
N PHE A 284 19.40 -18.93 -23.58
CA PHE A 284 20.08 -17.97 -24.46
C PHE A 284 21.12 -17.07 -23.79
N MET A 285 20.98 -16.89 -22.47
CA MET A 285 21.91 -16.03 -21.72
C MET A 285 23.27 -16.67 -21.50
N GLU A 286 23.39 -17.95 -21.86
CA GLU A 286 24.68 -18.64 -21.81
C GLU A 286 25.50 -18.24 -23.02
N ARG A 287 24.82 -17.81 -24.09
CA ARG A 287 25.44 -17.42 -25.36
C ARG A 287 25.99 -15.99 -25.32
N TYR A 288 25.27 -15.10 -24.62
CA TYR A 288 25.64 -13.67 -24.54
C TYR A 288 26.68 -13.38 -23.46
N ALA A 289 26.41 -13.81 -22.24
CA ALA A 289 27.35 -13.66 -21.13
C ALA A 289 27.77 -15.03 -20.63
N PRO A 290 29.01 -15.46 -20.94
CA PRO A 290 29.44 -16.80 -20.58
C PRO A 290 29.61 -16.99 -19.06
N VAL A 291 30.32 -16.06 -18.42
CA VAL A 291 30.67 -16.18 -17.00
C VAL A 291 29.48 -15.89 -16.07
N ALA A 292 28.81 -14.76 -16.29
CA ALA A 292 27.74 -14.32 -15.39
C ALA A 292 26.34 -14.79 -15.77
N LYS A 293 26.21 -15.37 -16.97
CA LYS A 293 24.95 -15.96 -17.47
C LYS A 293 23.73 -15.01 -17.43
N ASP A 294 22.57 -15.47 -16.96
CA ASP A 294 21.40 -14.57 -16.80
C ASP A 294 21.40 -13.77 -15.49
N LEU A 295 22.55 -13.72 -14.84
CA LEU A 295 22.73 -12.90 -13.65
C LEU A 295 23.69 -11.74 -13.97
N ALA A 296 23.71 -11.36 -15.25
CA ALA A 296 24.49 -10.24 -15.75
C ALA A 296 23.71 -8.92 -15.59
N SER A 297 24.38 -7.81 -15.90
CA SER A 297 23.79 -6.48 -15.76
C SER A 297 22.51 -6.30 -16.55
N ARG A 298 21.63 -5.44 -16.05
CA ARG A 298 20.29 -5.25 -16.63
C ARG A 298 20.34 -4.79 -18.08
N ASP A 299 21.29 -3.92 -18.41
CA ASP A 299 21.43 -3.40 -19.76
C ASP A 299 21.85 -4.48 -20.76
N VAL A 300 22.68 -5.42 -20.30
CA VAL A 300 23.19 -6.51 -21.13
C VAL A 300 22.11 -7.56 -21.39
N VAL A 301 21.45 -8.00 -20.31
CA VAL A 301 20.39 -9.01 -20.37
C VAL A 301 19.23 -8.56 -21.27
N SER A 302 18.69 -7.38 -20.99
CA SER A 302 17.55 -6.84 -21.75
C SER A 302 17.86 -6.62 -23.24
N ARG A 303 19.05 -6.12 -23.53
CA ARG A 303 19.51 -5.95 -24.91
C ARG A 303 19.75 -7.29 -25.61
N SER A 304 20.10 -8.32 -24.84
CA SER A 304 20.21 -9.69 -25.34
C SER A 304 18.82 -10.24 -25.63
N MET A 305 17.87 -9.96 -24.74
CA MET A 305 16.48 -10.35 -24.91
C MET A 305 15.90 -9.71 -26.15
N THR A 306 16.00 -8.38 -26.23
CA THR A 306 15.51 -7.59 -27.36
C THR A 306 16.13 -8.06 -28.66
N LEU A 307 17.39 -8.51 -28.59
CA LEU A 307 18.11 -9.00 -29.75
C LEU A 307 17.68 -10.42 -30.13
N GLU A 308 17.23 -11.21 -29.16
CA GLU A 308 16.74 -12.57 -29.41
C GLU A 308 15.38 -12.57 -30.11
N ILE A 309 14.59 -11.52 -29.89
CA ILE A 309 13.31 -11.32 -30.56
C ILE A 309 13.54 -10.87 -32.01
N ARG A 310 14.53 -9.99 -32.19
CA ARG A 310 14.94 -9.52 -33.51
C ARG A 310 15.21 -10.65 -34.50
N GLU A 311 15.96 -11.66 -34.05
CA GLU A 311 16.42 -12.75 -34.94
C GLU A 311 15.30 -13.70 -35.36
N GLY A 312 14.15 -13.62 -34.67
CA GLY A 312 13.00 -14.45 -34.99
C GLY A 312 12.61 -15.39 -33.87
N ARG A 313 13.43 -15.42 -32.82
CA ARG A 313 13.20 -16.30 -31.68
C ARG A 313 12.31 -15.66 -30.60
N GLY A 314 11.07 -15.32 -31.00
CA GLY A 314 10.05 -14.86 -30.06
C GLY A 314 9.39 -16.06 -29.37
N CYS A 315 8.47 -15.81 -28.44
CA CYS A 315 7.87 -16.90 -27.68
C CYS A 315 6.35 -16.91 -27.56
N GLY A 316 5.70 -15.81 -27.94
CA GLY A 316 4.24 -15.74 -27.91
C GLY A 316 3.59 -16.34 -29.14
N PRO A 317 2.24 -16.44 -29.13
CA PRO A 317 1.49 -16.82 -30.34
C PRO A 317 1.64 -15.75 -31.44
N GLU A 318 2.39 -14.70 -31.14
CA GLU A 318 2.75 -13.66 -32.09
C GLU A 318 4.25 -13.36 -32.02
N LYS A 319 4.98 -14.22 -31.32
CA LYS A 319 6.45 -14.17 -31.20
C LYS A 319 7.04 -12.77 -30.88
N ASP A 320 6.75 -12.27 -29.68
CA ASP A 320 7.18 -10.92 -29.29
C ASP A 320 7.75 -10.83 -27.86
N HIS A 321 7.81 -11.96 -27.16
CA HIS A 321 8.43 -12.01 -25.83
C HIS A 321 9.37 -13.20 -25.64
N VAL A 322 9.71 -13.47 -24.38
CA VAL A 322 10.64 -14.54 -23.99
C VAL A 322 10.16 -15.09 -22.64
N TYR A 323 10.48 -16.35 -22.35
CA TYR A 323 10.06 -16.97 -21.09
C TYR A 323 11.07 -16.85 -19.94
N LEU A 324 10.56 -16.60 -18.73
CA LEU A 324 11.33 -16.73 -17.51
C LEU A 324 10.87 -18.01 -16.84
N GLN A 325 11.74 -19.02 -16.87
CA GLN A 325 11.40 -20.35 -16.34
C GLN A 325 11.69 -20.46 -14.84
N LEU A 326 10.74 -21.02 -14.11
CA LEU A 326 10.86 -21.14 -12.65
C LEU A 326 10.57 -22.55 -12.10
N HIS A 327 9.89 -23.37 -12.90
CA HIS A 327 9.35 -24.65 -12.41
C HIS A 327 10.34 -25.72 -11.94
N HIS A 328 11.62 -25.58 -12.30
CA HIS A 328 12.65 -26.55 -11.85
C HIS A 328 13.06 -26.35 -10.38
N LEU A 329 12.93 -25.12 -9.88
CA LEU A 329 13.18 -24.81 -8.47
C LEU A 329 12.12 -25.45 -7.57
N PRO A 330 12.54 -26.00 -6.39
CA PRO A 330 11.61 -26.60 -5.44
C PRO A 330 10.38 -25.73 -5.18
N PRO A 331 9.20 -26.36 -4.99
CA PRO A 331 7.96 -25.62 -4.72
C PRO A 331 8.05 -24.74 -3.47
N GLU A 332 8.71 -25.23 -2.43
CA GLU A 332 8.87 -24.51 -1.16
C GLU A 332 9.83 -23.31 -1.28
N GLN A 333 10.75 -23.38 -2.23
CA GLN A 333 11.65 -22.25 -2.49
C GLN A 333 10.87 -21.10 -3.11
N LEU A 334 10.03 -21.41 -4.10
CA LEU A 334 9.17 -20.40 -4.73
C LEU A 334 8.19 -19.81 -3.72
N ALA A 335 7.66 -20.67 -2.85
CA ALA A 335 6.72 -20.26 -1.81
C ALA A 335 7.30 -19.27 -0.79
N VAL A 336 8.55 -19.47 -0.40
CA VAL A 336 9.18 -18.65 0.64
C VAL A 336 9.97 -17.46 0.07
N ARG A 337 10.61 -17.67 -1.09
CA ARG A 337 11.46 -16.63 -1.70
C ARG A 337 10.70 -15.68 -2.60
N LEU A 338 9.76 -16.21 -3.39
CA LEU A 338 9.04 -15.42 -4.41
C LEU A 338 7.50 -15.56 -4.35
N PRO A 339 6.89 -15.34 -3.16
CA PRO A 339 5.44 -15.57 -3.05
C PRO A 339 4.59 -14.49 -3.71
N GLY A 340 5.15 -13.28 -3.83
CA GLY A 340 4.43 -12.12 -4.36
C GLY A 340 4.33 -12.07 -5.87
N ILE A 341 5.36 -12.58 -6.55
CA ILE A 341 5.32 -12.70 -8.01
C ILE A 341 4.62 -14.00 -8.42
N SER A 342 4.61 -14.98 -7.53
CA SER A 342 3.79 -16.18 -7.73
C SER A 342 2.33 -15.78 -7.92
N GLU A 343 1.85 -14.90 -7.05
CA GLU A 343 0.50 -14.35 -7.10
C GLU A 343 0.24 -13.51 -8.36
N THR A 344 1.11 -12.54 -8.62
CA THR A 344 0.87 -11.60 -9.74
C THR A 344 1.14 -12.20 -11.12
N ALA A 345 1.88 -13.30 -11.18
CA ALA A 345 2.05 -14.05 -12.42
C ALA A 345 0.76 -14.76 -12.77
N MET A 346 0.12 -15.33 -11.75
CA MET A 346 -1.16 -16.02 -11.90
C MET A 346 -2.29 -15.04 -12.21
N ILE A 347 -2.31 -13.91 -11.48
CA ILE A 347 -3.36 -12.90 -11.63
C ILE A 347 -3.35 -12.23 -13.01
N PHE A 348 -2.16 -11.89 -13.51
CA PHE A 348 -2.04 -11.11 -14.74
C PHE A 348 -1.76 -11.93 -16.00
N ALA A 349 -1.19 -13.12 -15.84
CA ALA A 349 -0.86 -13.97 -16.98
C ALA A 349 -1.44 -15.37 -16.87
N GLY A 350 -2.26 -15.61 -15.84
CA GLY A 350 -2.87 -16.91 -15.61
C GLY A 350 -1.85 -18.03 -15.54
N VAL A 351 -0.70 -17.74 -14.96
CA VAL A 351 0.44 -18.65 -14.95
C VAL A 351 0.72 -19.25 -13.57
N ASP A 352 0.78 -20.57 -13.52
CA ASP A 352 1.27 -21.27 -12.33
C ASP A 352 2.80 -21.32 -12.44
N VAL A 353 3.46 -20.61 -11.53
CA VAL A 353 4.92 -20.52 -11.52
C VAL A 353 5.60 -21.88 -11.30
N THR A 354 4.91 -22.77 -10.57
CA THR A 354 5.46 -24.07 -10.20
C THR A 354 5.41 -25.09 -11.34
N LYS A 355 4.72 -24.74 -12.42
CA LYS A 355 4.54 -25.66 -13.56
C LYS A 355 4.87 -25.04 -14.93
N GLU A 356 4.59 -23.75 -15.09
CA GLU A 356 4.82 -23.03 -16.35
C GLU A 356 5.72 -21.80 -16.16
N PRO A 357 6.39 -21.33 -17.24
CA PRO A 357 7.20 -20.11 -17.17
C PRO A 357 6.37 -18.82 -17.37
N ILE A 358 6.90 -17.69 -16.88
CA ILE A 358 6.25 -16.40 -17.06
C ILE A 358 6.67 -15.77 -18.38
N PRO A 359 5.71 -15.20 -19.14
CA PRO A 359 6.07 -14.41 -20.32
C PRO A 359 6.67 -13.06 -19.89
N VAL A 360 7.97 -12.88 -20.14
CA VAL A 360 8.66 -11.66 -19.77
C VAL A 360 9.24 -10.91 -20.97
N LEU A 361 9.18 -9.58 -20.89
CA LEU A 361 9.71 -8.70 -21.90
C LEU A 361 10.39 -7.52 -21.19
N PRO A 362 11.61 -7.15 -21.65
CA PRO A 362 12.27 -5.96 -21.13
C PRO A 362 11.42 -4.70 -21.27
N THR A 363 11.12 -4.05 -20.16
CA THR A 363 10.34 -2.81 -20.16
C THR A 363 10.98 -1.74 -19.28
N VAL A 364 10.63 -0.48 -19.54
CA VAL A 364 11.10 0.68 -18.76
C VAL A 364 10.85 0.47 -17.27
N HIS A 365 11.81 0.88 -16.44
CA HIS A 365 11.79 0.54 -15.02
C HIS A 365 12.41 1.59 -14.10
N TYR A 366 13.64 2.01 -14.41
CA TYR A 366 14.36 2.95 -13.57
C TYR A 366 14.90 4.16 -14.35
N ASN A 367 14.97 5.31 -13.68
CA ASN A 367 15.61 6.49 -14.24
C ASN A 367 16.88 6.88 -13.47
N MET A 368 18.03 6.48 -14.02
CA MET A 368 19.33 6.84 -13.41
C MET A 368 19.66 8.32 -13.59
N GLY A 369 19.05 8.95 -14.59
CA GLY A 369 19.08 10.39 -14.70
C GLY A 369 18.25 11.05 -13.60
N GLY A 370 18.35 12.37 -13.53
CA GLY A 370 17.58 13.15 -12.56
C GLY A 370 18.24 14.47 -12.23
N ILE A 371 18.06 14.91 -11.00
CA ILE A 371 18.58 16.18 -10.52
C ILE A 371 20.04 16.03 -10.06
N PRO A 372 20.99 16.71 -10.74
CA PRO A 372 22.42 16.54 -10.42
C PRO A 372 22.72 16.90 -8.97
N THR A 373 23.59 16.13 -8.34
CA THR A 373 23.74 16.18 -6.89
C THR A 373 25.14 15.85 -6.37
N ASN A 374 25.50 16.51 -5.26
CA ASN A 374 26.64 16.17 -4.42
C ASN A 374 26.53 14.78 -3.84
N TYR A 375 27.63 14.25 -3.31
CA TYR A 375 27.54 13.06 -2.48
C TYR A 375 26.81 13.41 -1.18
N LYS A 376 26.71 14.71 -0.92
CA LYS A 376 25.99 15.26 0.23
C LYS A 376 24.54 15.55 -0.10
N GLY A 377 24.19 15.40 -1.37
CA GLY A 377 22.80 15.51 -1.79
C GLY A 377 22.33 16.91 -2.12
N GLN A 378 23.27 17.79 -2.45
CA GLN A 378 22.96 19.19 -2.74
C GLN A 378 22.88 19.39 -4.24
N VAL A 379 21.79 20.00 -4.71
CA VAL A 379 21.58 20.18 -6.15
C VAL A 379 22.65 21.10 -6.76
N LEU A 380 23.30 20.60 -7.80
CA LEU A 380 24.35 21.33 -8.47
C LEU A 380 23.85 21.98 -9.74
N ARG A 381 24.19 23.26 -9.91
CA ARG A 381 24.04 23.91 -11.21
C ARG A 381 25.41 23.96 -11.89
N HIS A 382 25.45 24.31 -13.17
CA HIS A 382 26.72 24.36 -13.88
C HIS A 382 27.05 25.78 -14.35
N VAL A 383 28.02 26.40 -13.71
CA VAL A 383 28.47 27.73 -14.08
C VAL A 383 29.92 27.67 -14.56
N ASN A 384 30.16 28.24 -15.73
CA ASN A 384 31.50 28.36 -16.31
C ASN A 384 32.26 27.03 -16.32
N GLY A 385 31.58 25.98 -16.79
CA GLY A 385 32.16 24.63 -16.84
C GLY A 385 32.52 24.04 -15.48
N GLN A 386 32.00 24.64 -14.41
CA GLN A 386 32.31 24.21 -13.05
C GLN A 386 31.07 23.95 -12.22
N ASP A 387 31.20 23.10 -11.21
CA ASP A 387 30.09 22.79 -10.32
C ASP A 387 29.83 23.92 -9.33
N GLN A 388 28.57 24.02 -8.89
CA GLN A 388 28.12 25.11 -8.03
C GLN A 388 26.87 24.71 -7.25
N VAL A 389 26.91 24.91 -5.94
CA VAL A 389 25.84 24.46 -5.07
C VAL A 389 24.66 25.44 -5.08
N VAL A 390 23.46 24.92 -5.41
CA VAL A 390 22.22 25.70 -5.31
C VAL A 390 21.81 25.79 -3.84
N PRO A 391 21.82 27.02 -3.28
CA PRO A 391 21.54 27.22 -1.85
C PRO A 391 20.13 26.78 -1.46
N GLY A 392 20.04 25.95 -0.43
CA GLY A 392 18.76 25.51 0.14
C GLY A 392 17.97 24.51 -0.70
N LEU A 393 18.66 23.83 -1.61
CA LEU A 393 18.02 22.84 -2.47
C LEU A 393 18.75 21.50 -2.43
N TYR A 394 18.01 20.46 -2.06
CA TYR A 394 18.56 19.12 -1.98
C TYR A 394 17.69 18.18 -2.80
N ALA A 395 18.30 17.11 -3.31
CA ALA A 395 17.56 16.07 -4.01
C ALA A 395 18.08 14.69 -3.65
N CYS A 396 17.19 13.73 -3.50
CA CYS A 396 17.59 12.33 -3.23
C CYS A 396 16.58 11.32 -3.79
N GLY A 397 16.99 10.06 -3.85
CA GLY A 397 16.16 9.01 -4.43
C GLY A 397 16.25 8.97 -5.94
N GLU A 398 15.18 8.49 -6.58
CA GLU A 398 15.17 8.24 -8.02
C GLU A 398 15.12 9.55 -8.81
N ALA A 399 14.52 10.56 -8.21
CA ALA A 399 14.39 11.88 -8.83
C ALA A 399 15.73 12.58 -8.93
N ALA A 400 16.67 12.15 -8.09
CA ALA A 400 17.99 12.74 -8.07
C ALA A 400 18.92 12.02 -9.03
N CYS A 401 20.14 12.53 -9.11
CA CYS A 401 21.22 11.91 -9.84
C CYS A 401 22.50 12.39 -9.18
N ALA A 402 22.92 11.67 -8.13
CA ALA A 402 24.27 11.81 -7.60
C ALA A 402 25.16 11.04 -8.56
N SER A 403 24.49 10.39 -9.53
CA SER A 403 25.03 9.32 -10.36
C SER A 403 25.87 8.35 -9.55
N VAL A 404 25.17 7.73 -8.60
CA VAL A 404 25.68 6.59 -7.87
C VAL A 404 25.43 5.35 -8.74
N HIS A 405 24.61 5.54 -9.79
CA HIS A 405 24.18 4.47 -10.70
C HIS A 405 24.79 4.57 -12.10
N GLY A 406 25.12 5.79 -12.53
CA GLY A 406 25.77 6.03 -13.82
C GLY A 406 24.98 5.69 -15.07
N ALA A 407 25.56 4.87 -15.93
CA ALA A 407 24.94 4.47 -17.21
C ALA A 407 24.05 3.23 -17.08
N ASN A 408 24.18 2.52 -15.97
CA ASN A 408 23.36 1.35 -15.69
C ASN A 408 23.28 1.06 -14.19
N ARG A 409 22.08 1.18 -13.64
CA ARG A 409 21.85 0.87 -12.23
C ARG A 409 22.02 -0.61 -11.94
N LEU A 410 22.61 -0.92 -10.80
CA LEU A 410 22.73 -2.31 -10.36
C LEU A 410 21.45 -2.72 -9.65
N GLY A 411 21.08 -3.99 -9.79
CA GLY A 411 19.86 -4.50 -9.18
C GLY A 411 19.89 -4.47 -7.66
N ALA A 412 18.84 -3.91 -7.08
CA ALA A 412 18.68 -3.83 -5.62
C ALA A 412 19.53 -2.73 -4.97
N ASN A 413 19.91 -1.73 -5.77
CA ASN A 413 20.69 -0.61 -5.26
C ASN A 413 19.92 0.69 -5.06
N SER A 414 18.68 0.75 -5.54
CA SER A 414 17.89 1.98 -5.36
C SER A 414 17.24 2.08 -3.99
N LEU A 415 16.79 0.95 -3.44
CA LEU A 415 16.29 0.92 -2.07
C LEU A 415 17.40 1.37 -1.12
N LEU A 416 18.63 0.97 -1.43
CA LEU A 416 19.82 1.49 -0.73
C LEU A 416 20.00 2.98 -1.01
N ASP A 417 20.03 3.35 -2.29
CA ASP A 417 20.04 4.75 -2.69
C ASP A 417 19.13 5.58 -1.79
N LEU A 418 17.84 5.20 -1.75
CA LEU A 418 16.82 5.88 -0.94
C LEU A 418 17.28 6.17 0.48
N VAL A 419 17.58 5.10 1.20
CA VAL A 419 17.88 5.14 2.63
C VAL A 419 19.13 5.97 2.92
N VAL A 420 20.20 5.73 2.16
CA VAL A 420 21.47 6.42 2.38
C VAL A 420 21.37 7.92 2.09
N PHE A 421 20.94 8.27 0.88
CA PHE A 421 20.96 9.67 0.46
C PHE A 421 19.83 10.50 1.05
N GLY A 422 18.72 9.84 1.39
CA GLY A 422 17.68 10.50 2.18
C GLY A 422 18.29 11.00 3.47
N ARG A 423 18.92 10.08 4.19
CA ARG A 423 19.66 10.36 5.43
C ARG A 423 20.74 11.43 5.22
N ALA A 424 21.48 11.32 4.12
CA ALA A 424 22.55 12.26 3.79
C ALA A 424 22.01 13.70 3.69
N CYS A 425 20.89 13.87 3.00
CA CYS A 425 20.23 15.16 2.89
C CYS A 425 19.95 15.74 4.27
N ALA A 426 19.47 14.89 5.18
CA ALA A 426 19.20 15.28 6.56
C ALA A 426 20.46 15.75 7.30
N LEU A 427 21.53 14.97 7.18
CA LEU A 427 22.79 15.30 7.84
C LEU A 427 23.44 16.54 7.26
N SER A 428 23.26 16.76 5.97
CA SER A 428 23.83 17.93 5.28
C SER A 428 23.21 19.23 5.72
N ILE A 429 21.91 19.18 6.01
CA ILE A 429 21.20 20.32 6.55
C ILE A 429 21.55 20.50 8.03
N ALA A 430 21.33 19.45 8.82
CA ALA A 430 21.63 19.45 10.26
C ALA A 430 23.05 19.91 10.58
N GLU A 431 23.98 19.63 9.68
CA GLU A 431 25.39 19.94 9.90
C GLU A 431 25.87 21.21 9.20
N SER A 432 24.97 21.88 8.47
CA SER A 432 25.30 23.16 7.84
C SER A 432 24.60 24.34 8.53
N CYS A 433 23.28 24.26 8.67
CA CYS A 433 22.51 25.29 9.37
C CYS A 433 21.90 24.80 10.69
N ARG A 434 21.07 25.64 11.31
CA ARG A 434 20.44 25.34 12.60
C ARG A 434 18.91 25.45 12.57
N PRO A 435 18.19 24.71 13.43
CA PRO A 435 16.74 24.85 13.50
C PRO A 435 16.37 26.17 14.15
N GLY A 436 15.35 26.83 13.62
CA GLY A 436 14.96 28.15 14.09
C GLY A 436 15.90 29.24 13.61
N ASP A 437 16.56 29.00 12.48
CA ASP A 437 17.34 30.02 11.80
C ASP A 437 16.44 30.81 10.88
N LYS A 438 16.92 31.97 10.42
CA LYS A 438 16.15 32.86 9.57
C LYS A 438 15.63 32.13 8.31
N VAL A 439 14.32 31.94 8.28
CA VAL A 439 13.61 31.42 7.12
C VAL A 439 13.41 32.59 6.14
N PRO A 440 13.98 32.48 4.92
CA PRO A 440 14.08 33.66 4.06
C PRO A 440 12.74 34.11 3.49
N SER A 441 12.48 35.42 3.59
CA SER A 441 11.20 35.98 3.17
C SER A 441 11.06 36.05 1.66
N ILE A 442 9.91 35.59 1.18
CA ILE A 442 9.62 35.47 -0.25
C ILE A 442 8.71 36.60 -0.73
N LYS A 443 8.86 36.99 -2.00
CA LYS A 443 8.06 38.07 -2.61
C LYS A 443 6.56 37.82 -2.51
N PRO A 444 5.76 38.88 -2.25
CA PRO A 444 4.32 38.78 -1.95
C PRO A 444 3.50 38.04 -3.01
N ASN A 445 4.03 37.95 -4.23
CA ASN A 445 3.34 37.30 -5.33
C ASN A 445 4.18 36.20 -5.99
N ALA A 446 4.95 35.49 -5.17
CA ALA A 446 5.83 34.44 -5.68
C ALA A 446 5.07 33.15 -5.97
N GLY A 447 5.47 32.49 -7.06
CA GLY A 447 4.80 31.28 -7.52
C GLY A 447 3.49 31.63 -8.22
N GLU A 448 3.44 32.86 -8.72
CA GLU A 448 2.27 33.40 -9.39
C GLU A 448 1.96 32.62 -10.66
N GLU A 449 3.01 32.38 -11.46
CA GLU A 449 2.88 31.70 -12.76
C GLU A 449 2.45 30.24 -12.64
N SER A 450 2.65 29.65 -11.46
CA SER A 450 2.18 28.29 -11.22
C SER A 450 0.66 28.30 -11.16
N VAL A 451 0.12 29.26 -10.42
CA VAL A 451 -1.33 29.47 -10.29
C VAL A 451 -1.98 29.82 -11.64
N MET A 452 -1.31 30.65 -12.43
CA MET A 452 -1.77 31.01 -13.78
C MET A 452 -1.79 29.79 -14.71
N ASN A 453 -0.72 29.00 -14.64
CA ASN A 453 -0.60 27.73 -15.35
C ASN A 453 -1.70 26.77 -14.89
N LEU A 454 -1.88 26.69 -13.57
CA LEU A 454 -2.94 25.90 -12.96
C LEU A 454 -4.31 26.33 -13.49
N ASP A 455 -4.50 27.64 -13.60
CA ASP A 455 -5.78 28.23 -14.03
C ASP A 455 -6.13 27.93 -15.48
N LYS A 456 -5.14 28.03 -16.37
CA LYS A 456 -5.35 27.75 -17.79
C LYS A 456 -5.75 26.29 -18.00
N LEU A 457 -5.05 25.37 -17.33
CA LEU A 457 -5.32 23.94 -17.46
C LEU A 457 -6.67 23.51 -16.90
N ARG A 458 -7.14 24.21 -15.87
CA ARG A 458 -8.42 23.94 -15.22
C ARG A 458 -9.60 24.34 -16.14
N PHE A 459 -9.40 25.39 -16.92
CA PHE A 459 -10.42 25.86 -17.85
C PHE A 459 -10.02 25.64 -19.33
N ALA A 460 -9.07 24.74 -19.56
CA ALA A 460 -8.49 24.50 -20.88
C ALA A 460 -9.49 23.96 -21.90
N ASN A 461 -9.95 24.83 -22.80
CA ASN A 461 -10.87 24.43 -23.85
C ASN A 461 -10.18 24.41 -25.21
N GLY A 462 -9.60 23.26 -25.56
CA GLY A 462 -8.89 23.08 -26.83
C GLY A 462 -9.39 21.91 -27.65
N THR A 463 -8.54 21.41 -28.55
CA THR A 463 -8.90 20.33 -29.47
C THR A 463 -8.41 18.93 -29.06
N ILE A 464 -7.23 18.84 -28.43
CA ILE A 464 -6.66 17.56 -28.06
C ILE A 464 -6.83 17.28 -26.56
N ARG A 465 -7.46 16.16 -26.24
CA ARG A 465 -7.72 15.76 -24.85
C ARG A 465 -6.40 15.36 -24.16
N THR A 466 -6.33 15.59 -22.84
CA THR A 466 -5.12 15.29 -22.04
C THR A 466 -4.64 13.85 -22.23
N SER A 467 -5.58 12.91 -22.13
CA SER A 467 -5.27 11.49 -22.25
C SER A 467 -4.70 11.14 -23.61
N GLU A 468 -5.26 11.74 -24.67
CA GLU A 468 -4.85 11.47 -26.05
C GLU A 468 -3.42 11.91 -26.35
N LEU A 469 -3.04 13.10 -25.87
CA LEU A 469 -1.68 13.61 -26.07
C LEU A 469 -0.66 12.78 -25.30
N ARG A 470 -1.03 12.38 -24.08
CA ARG A 470 -0.22 11.50 -23.24
C ARG A 470 0.11 10.22 -23.99
N LEU A 471 -0.90 9.65 -24.65
CA LEU A 471 -0.72 8.45 -25.47
C LEU A 471 0.26 8.71 -26.61
N SER A 472 0.10 9.82 -27.31
CA SER A 472 0.99 10.18 -28.41
C SER A 472 2.46 10.30 -27.96
N MET A 473 2.66 10.76 -26.73
CA MET A 473 3.99 10.92 -26.16
C MET A 473 4.58 9.55 -25.79
N GLN A 474 3.76 8.73 -25.12
CA GLN A 474 4.17 7.42 -24.61
C GLN A 474 4.58 6.45 -25.73
N LYS A 475 3.79 6.40 -26.79
CA LYS A 475 4.06 5.51 -27.93
C LYS A 475 5.27 5.99 -28.74
N SER A 476 5.48 7.31 -28.77
CA SER A 476 6.61 7.91 -29.47
C SER A 476 7.95 7.57 -28.80
N MET A 477 8.04 7.86 -27.51
CA MET A 477 9.22 7.47 -26.73
C MET A 477 9.48 5.96 -26.81
N GLN A 478 8.39 5.20 -26.92
CA GLN A 478 8.45 3.72 -26.94
C GLN A 478 9.10 3.16 -28.20
N SER A 479 8.84 3.81 -29.34
CA SER A 479 9.38 3.32 -30.61
C SER A 479 10.62 4.10 -31.10
N HIS A 480 10.87 5.27 -30.53
CA HIS A 480 11.99 6.11 -30.97
C HIS A 480 13.21 6.11 -30.04
N ALA A 481 12.97 5.82 -28.75
CA ALA A 481 14.05 5.75 -27.77
C ALA A 481 13.88 4.50 -26.91
N ALA A 482 14.06 3.33 -27.53
CA ALA A 482 13.92 2.06 -26.83
C ALA A 482 15.27 1.47 -26.42
N VAL A 483 15.34 0.14 -26.34
CA VAL A 483 16.57 -0.57 -25.98
C VAL A 483 17.70 -0.24 -26.96
N PHE A 484 17.42 -0.38 -28.26
CA PHE A 484 18.33 0.06 -29.31
C PHE A 484 17.80 1.33 -29.95
N ARG A 485 18.72 2.22 -30.35
CA ARG A 485 18.33 3.47 -31.01
C ARG A 485 19.37 3.98 -32.00
N VAL A 486 18.89 4.51 -33.12
CA VAL A 486 19.76 5.02 -34.18
C VAL A 486 19.55 6.50 -34.46
N GLY A 487 20.58 7.18 -34.96
CA GLY A 487 20.54 8.61 -35.27
C GLY A 487 19.25 9.06 -35.92
N SER A 488 18.93 8.45 -37.07
CA SER A 488 17.71 8.79 -37.82
C SER A 488 16.41 8.59 -37.01
N VAL A 489 16.28 7.43 -36.36
CA VAL A 489 15.09 7.13 -35.55
C VAL A 489 14.97 8.09 -34.36
N LEU A 490 16.09 8.40 -33.74
CA LEU A 490 16.12 9.32 -32.61
C LEU A 490 15.75 10.74 -33.01
N GLN A 491 16.15 11.13 -34.23
CA GLN A 491 15.86 12.46 -34.77
C GLN A 491 14.39 12.69 -35.08
N GLU A 492 13.73 11.67 -35.62
CA GLU A 492 12.29 11.73 -35.86
C GLU A 492 11.56 11.79 -34.52
N GLY A 493 12.11 11.11 -33.53
CA GLY A 493 11.61 11.18 -32.16
C GLY A 493 11.66 12.59 -31.61
N CYS A 494 12.81 13.25 -31.80
CA CYS A 494 13.01 14.62 -31.32
C CYS A 494 12.03 15.61 -31.94
N GLU A 495 12.00 15.64 -33.28
CA GLU A 495 11.11 16.54 -34.02
C GLU A 495 9.63 16.17 -33.82
N LYS A 496 9.40 14.99 -33.24
CA LYS A 496 8.04 14.51 -32.94
C LYS A 496 7.61 15.00 -31.57
N ILE A 497 8.50 14.85 -30.58
CA ILE A 497 8.24 15.30 -29.21
C ILE A 497 8.10 16.82 -29.16
N LEU A 498 8.98 17.53 -29.86
CA LEU A 498 8.90 18.99 -29.98
C LEU A 498 7.54 19.44 -30.55
N ARG A 499 7.05 18.71 -31.57
CA ARG A 499 5.73 18.98 -32.15
C ARG A 499 4.63 18.70 -31.13
N LEU A 500 4.81 17.68 -30.31
CA LEU A 500 3.85 17.34 -29.26
C LEU A 500 3.90 18.33 -28.09
N TYR A 501 5.04 19.02 -27.93
CA TYR A 501 5.13 20.10 -26.96
C TYR A 501 4.40 21.33 -27.48
N GLY A 502 4.46 21.53 -28.80
CA GLY A 502 3.68 22.55 -29.47
C GLY A 502 2.20 22.28 -29.30
N ASP A 503 1.84 21.00 -29.22
CA ASP A 503 0.45 20.58 -29.05
C ASP A 503 -0.12 20.93 -27.67
N LEU A 504 0.76 21.16 -26.70
CA LEU A 504 0.34 21.42 -25.31
C LEU A 504 -0.52 22.67 -25.16
N GLN A 505 -0.28 23.66 -26.02
CA GLN A 505 -1.07 24.89 -26.01
C GLN A 505 -2.50 24.65 -26.54
N HIS A 506 -2.81 23.42 -26.91
CA HIS A 506 -4.08 23.08 -27.55
C HIS A 506 -5.00 22.13 -26.76
N LEU A 507 -4.56 21.67 -25.59
CA LEU A 507 -5.29 20.59 -24.90
C LEU A 507 -6.65 20.94 -24.33
N LYS A 508 -7.56 19.96 -24.40
CA LYS A 508 -8.90 20.08 -23.84
C LYS A 508 -8.97 19.34 -22.50
N THR A 509 -9.49 20.05 -21.50
CA THR A 509 -9.76 19.48 -20.18
C THR A 509 -11.26 19.63 -19.90
N PHE A 510 -11.83 18.72 -19.13
CA PHE A 510 -13.29 18.69 -18.91
C PHE A 510 -13.76 19.15 -17.53
N ASP A 511 -13.22 18.55 -16.46
CA ASP A 511 -13.64 18.87 -15.09
C ASP A 511 -13.26 20.31 -14.68
N ARG A 512 -14.26 21.09 -14.29
CA ARG A 512 -14.06 22.49 -13.88
C ARG A 512 -14.14 22.70 -12.37
N GLY A 513 -14.25 21.61 -11.60
CA GLY A 513 -14.32 21.68 -10.15
C GLY A 513 -13.01 21.99 -9.44
N MET A 514 -13.10 22.17 -8.13
CA MET A 514 -11.97 22.47 -7.28
C MET A 514 -11.51 21.25 -6.52
N VAL A 515 -12.47 20.56 -5.89
CA VAL A 515 -12.22 19.37 -5.10
C VAL A 515 -11.82 18.22 -6.03
N TRP A 516 -10.74 17.54 -5.67
CA TRP A 516 -10.25 16.36 -6.39
C TRP A 516 -10.42 16.43 -7.90
N ASN A 517 -9.73 17.39 -8.51
CA ASN A 517 -9.73 17.52 -9.96
C ASN A 517 -8.61 16.69 -10.56
N THR A 518 -8.83 15.38 -10.66
CA THR A 518 -7.84 14.49 -11.29
C THR A 518 -7.65 14.80 -12.78
N ASP A 519 -8.72 15.23 -13.45
CA ASP A 519 -8.65 15.73 -14.83
C ASP A 519 -7.55 16.79 -14.93
N LEU A 520 -7.56 17.72 -13.98
CA LEU A 520 -6.57 18.80 -13.90
C LEU A 520 -5.16 18.30 -13.59
N VAL A 521 -5.01 17.54 -12.49
CA VAL A 521 -3.66 17.14 -12.06
C VAL A 521 -2.92 16.33 -13.12
N GLU A 522 -3.64 15.45 -13.81
CA GLU A 522 -3.02 14.59 -14.81
C GLU A 522 -2.50 15.42 -15.98
N THR A 523 -3.04 16.62 -16.13
CA THR A 523 -2.56 17.55 -17.15
C THR A 523 -1.29 18.25 -16.65
N LEU A 524 -1.25 18.60 -15.37
CA LEU A 524 -0.02 19.07 -14.75
C LEU A 524 1.06 18.01 -14.92
N GLU A 525 0.64 16.75 -14.71
CA GLU A 525 1.52 15.60 -14.91
C GLU A 525 2.02 15.53 -16.34
N LEU A 526 1.17 15.90 -17.31
CA LEU A 526 1.54 15.85 -18.72
C LEU A 526 2.61 16.88 -19.08
N GLN A 527 2.46 18.10 -18.58
CA GLN A 527 3.51 19.12 -18.74
C GLN A 527 4.82 18.62 -18.14
N ASN A 528 4.73 18.04 -16.94
CA ASN A 528 5.86 17.44 -16.25
C ASN A 528 6.50 16.29 -17.04
N LEU A 529 5.67 15.41 -17.59
CA LEU A 529 6.14 14.28 -18.39
C LEU A 529 6.88 14.71 -19.66
N MET A 530 6.30 15.65 -20.41
CA MET A 530 6.89 16.18 -21.64
C MET A 530 8.27 16.77 -21.40
N LEU A 531 8.36 17.68 -20.42
CA LEU A 531 9.64 18.29 -20.03
C LEU A 531 10.70 17.24 -19.69
N CYS A 532 10.25 16.10 -19.13
CA CYS A 532 11.15 14.98 -18.87
C CYS A 532 11.50 14.24 -20.15
N ALA A 533 10.51 14.06 -21.02
CA ALA A 533 10.68 13.31 -22.27
C ALA A 533 11.61 14.03 -23.25
N LEU A 534 11.41 15.34 -23.39
CA LEU A 534 12.23 16.15 -24.30
C LEU A 534 13.72 16.00 -24.01
N GLN A 535 14.06 16.09 -22.73
CA GLN A 535 15.45 16.01 -22.30
C GLN A 535 16.00 14.59 -22.45
N THR A 536 15.13 13.59 -22.28
CA THR A 536 15.51 12.20 -22.49
C THR A 536 15.92 11.95 -23.95
N ILE A 537 15.05 12.36 -24.86
CA ILE A 537 15.19 12.07 -26.29
C ILE A 537 16.30 12.88 -27.01
N TYR A 538 16.39 14.18 -26.70
CA TYR A 538 17.40 15.07 -27.29
C TYR A 538 18.81 14.69 -26.83
N GLY A 539 18.97 14.51 -25.52
CA GLY A 539 20.24 14.08 -24.94
C GLY A 539 20.67 12.73 -25.46
N ALA A 540 19.68 11.87 -25.69
CA ALA A 540 19.89 10.54 -26.29
C ALA A 540 20.40 10.65 -27.72
N GLU A 541 19.85 11.58 -28.48
CA GLU A 541 20.26 11.76 -29.88
C GLU A 541 21.68 12.31 -29.99
N ALA A 542 22.07 13.17 -29.05
CA ALA A 542 23.38 13.79 -29.06
C ALA A 542 24.49 12.85 -28.64
N ARG A 543 24.18 11.90 -27.75
CA ARG A 543 25.18 10.95 -27.24
C ARG A 543 25.55 9.93 -28.32
N LYS A 544 26.72 10.13 -28.92
CA LYS A 544 27.15 9.31 -30.06
C LYS A 544 28.14 8.22 -29.65
N GLU A 545 27.69 7.36 -28.74
CA GLU A 545 28.45 6.24 -28.20
C GLU A 545 27.48 5.22 -27.61
N SER A 546 27.96 3.99 -27.41
CA SER A 546 27.20 2.98 -26.66
C SER A 546 27.80 2.79 -25.27
N ARG A 547 27.07 3.24 -24.26
CA ARG A 547 27.52 3.18 -22.87
C ARG A 547 26.37 2.74 -21.96
N GLY A 548 26.52 1.57 -21.38
CA GLY A 548 25.52 1.04 -20.45
C GLY A 548 24.18 0.80 -21.10
N ALA A 549 23.15 1.45 -20.57
CA ALA A 549 21.79 1.29 -21.10
C ALA A 549 21.56 2.00 -22.43
N HIS A 550 22.29 3.09 -22.65
CA HIS A 550 22.24 3.79 -23.92
C HIS A 550 23.07 3.03 -24.95
N ALA A 551 22.39 2.39 -25.90
CA ALA A 551 23.08 1.66 -26.95
C ALA A 551 22.78 2.26 -28.32
N ARG A 552 23.80 2.87 -28.92
CA ARG A 552 23.69 3.41 -30.27
C ARG A 552 24.11 2.36 -31.29
N GLU A 553 23.25 2.11 -32.27
CA GLU A 553 23.54 1.15 -33.33
C GLU A 553 24.51 1.75 -34.36
N ASP A 554 24.62 3.07 -34.38
CA ASP A 554 25.57 3.77 -35.26
C ASP A 554 26.95 3.74 -34.63
N PHE A 555 26.98 4.03 -33.32
CA PHE A 555 28.23 4.11 -32.56
C PHE A 555 28.21 3.09 -31.43
N LYS A 556 28.48 1.84 -31.79
CA LYS A 556 28.49 0.74 -30.82
C LYS A 556 29.69 0.79 -29.85
N GLU A 557 30.59 1.73 -30.10
CA GLU A 557 31.82 1.91 -29.31
C GLU A 557 31.56 2.61 -27.97
N ARG A 558 32.33 2.23 -26.96
CA ARG A 558 32.37 2.95 -25.69
C ARG A 558 33.49 3.98 -25.79
N VAL A 559 33.11 5.25 -25.87
CA VAL A 559 34.08 6.34 -26.08
C VAL A 559 34.49 7.00 -24.76
N ASP A 560 35.74 6.75 -24.35
CA ASP A 560 36.31 7.31 -23.13
C ASP A 560 37.40 8.31 -23.48
N GLU A 561 38.08 8.85 -22.46
CA GLU A 561 39.21 9.74 -22.68
C GLU A 561 40.39 8.97 -23.29
N TYR A 562 40.48 7.69 -22.95
CA TYR A 562 41.49 6.80 -23.52
C TYR A 562 40.85 5.58 -24.17
N ASP A 563 41.62 4.88 -25.00
CA ASP A 563 41.26 3.56 -25.46
C ASP A 563 41.69 2.60 -24.35
N TYR A 564 40.77 2.39 -23.39
CA TYR A 564 41.08 1.64 -22.17
C TYR A 564 41.25 0.13 -22.35
N SER A 565 41.07 -0.33 -23.58
CA SER A 565 41.27 -1.75 -23.91
C SER A 565 42.76 -2.10 -23.95
N LYS A 566 43.55 -1.23 -24.60
CA LYS A 566 45.00 -1.40 -24.65
C LYS A 566 45.68 -0.65 -23.48
N PRO A 567 47.00 -0.86 -23.27
CA PRO A 567 47.71 -0.20 -22.17
C PRO A 567 47.52 1.31 -22.12
N ILE A 568 47.56 1.86 -20.90
CA ILE A 568 47.39 3.29 -20.65
C ILE A 568 48.68 4.09 -20.91
N GLN A 569 49.82 3.40 -20.77
CA GLN A 569 51.19 3.98 -20.86
C GLN A 569 51.35 5.33 -21.57
N GLY A 570 51.74 5.30 -22.84
CA GLY A 570 52.02 6.51 -23.63
C GLY A 570 50.98 6.71 -24.70
N GLN A 571 49.89 7.38 -24.34
CA GLN A 571 48.76 7.56 -25.23
C GLN A 571 48.31 9.02 -25.24
N GLN A 572 47.55 9.39 -26.28
CA GLN A 572 46.98 10.74 -26.38
C GLN A 572 45.64 10.81 -25.64
N LYS A 573 45.59 11.64 -24.60
CA LYS A 573 44.35 11.90 -23.88
C LYS A 573 43.45 12.81 -24.73
N LYS A 574 42.18 12.43 -24.86
CA LYS A 574 41.23 13.18 -25.68
C LYS A 574 40.66 14.40 -24.95
N PRO A 575 40.59 15.55 -25.64
CA PRO A 575 39.96 16.77 -25.12
C PRO A 575 38.51 16.55 -24.70
N PHE A 576 38.00 17.42 -23.83
CA PHE A 576 36.69 17.19 -23.19
C PHE A 576 35.53 17.04 -24.17
N GLN A 577 35.46 17.92 -25.17
CA GLN A 577 34.36 17.89 -26.16
C GLN A 577 34.65 16.93 -27.33
N GLU A 578 35.48 15.93 -27.08
CA GLU A 578 35.84 14.92 -28.08
C GLU A 578 35.52 13.50 -27.62
N HIS A 579 35.52 13.26 -26.30
CA HIS A 579 35.07 11.98 -25.74
C HIS A 579 33.69 12.10 -25.09
N TRP A 580 33.12 10.97 -24.66
CA TRP A 580 31.77 10.96 -24.12
C TRP A 580 31.66 10.47 -22.67
N ARG A 581 32.80 10.32 -21.99
CA ARG A 581 32.78 9.91 -20.58
C ARG A 581 32.50 11.11 -19.68
N LYS A 582 31.28 11.61 -19.80
CA LYS A 582 30.85 12.84 -19.13
C LYS A 582 29.32 12.83 -18.99
N HIS A 583 28.84 13.54 -17.97
CA HIS A 583 27.39 13.63 -17.71
C HIS A 583 26.70 14.58 -18.68
N THR A 584 25.53 14.18 -19.15
CA THR A 584 24.69 15.05 -19.97
C THR A 584 23.89 16.00 -19.08
N LEU A 585 24.11 17.30 -19.27
CA LEU A 585 23.35 18.32 -18.56
C LEU A 585 22.36 19.01 -19.50
N SER A 586 21.08 18.82 -19.22
CA SER A 586 20.03 19.31 -20.10
C SER A 586 19.16 20.41 -19.48
N TYR A 587 18.86 21.41 -20.31
CA TYR A 587 17.97 22.50 -19.96
C TYR A 587 16.86 22.54 -21.01
N VAL A 588 15.75 23.17 -20.67
CA VAL A 588 14.71 23.48 -21.66
C VAL A 588 14.01 24.80 -21.35
N ASP A 589 14.00 25.69 -22.34
CA ASP A 589 13.19 26.90 -22.29
C ASP A 589 11.73 26.48 -22.30
N VAL A 590 11.07 26.70 -21.18
CA VAL A 590 9.70 26.20 -20.94
C VAL A 590 8.75 26.63 -22.06
N LYS A 591 8.94 27.83 -22.59
CA LYS A 591 8.06 28.36 -23.64
C LYS A 591 8.27 27.68 -25.01
N THR A 592 9.45 27.88 -25.60
CA THR A 592 9.73 27.38 -26.96
C THR A 592 9.94 25.86 -27.03
N GLY A 593 10.15 25.23 -25.88
CA GLY A 593 10.38 23.80 -25.82
C GLY A 593 11.71 23.36 -26.42
N LYS A 594 12.67 24.28 -26.45
CA LYS A 594 14.00 23.97 -26.97
C LYS A 594 14.88 23.33 -25.91
N VAL A 595 15.55 22.26 -26.29
CA VAL A 595 16.50 21.59 -25.41
C VAL A 595 17.90 22.02 -25.77
N SER A 596 18.59 22.65 -24.82
CA SER A 596 20.02 22.95 -24.97
C SER A 596 20.81 22.16 -23.93
N LEU A 597 21.96 21.63 -24.34
CA LEU A 597 22.74 20.76 -23.45
C LEU A 597 24.22 21.12 -23.28
N GLU A 598 24.74 20.73 -22.13
CA GLU A 598 26.15 20.91 -21.78
C GLU A 598 26.65 19.64 -21.10
N TYR A 599 27.93 19.62 -20.71
CA TYR A 599 28.52 18.42 -20.11
C TYR A 599 29.46 18.70 -18.92
N ARG A 600 29.36 17.85 -17.89
CA ARG A 600 30.27 17.94 -16.76
C ARG A 600 30.94 16.59 -16.46
N PRO A 601 32.20 16.63 -15.96
CA PRO A 601 32.98 15.40 -15.83
C PRO A 601 32.40 14.48 -14.77
N VAL A 602 32.63 13.18 -14.94
CA VAL A 602 32.32 12.22 -13.89
C VAL A 602 33.41 12.34 -12.82
N ILE A 603 33.07 12.00 -11.58
CA ILE A 603 34.03 12.12 -10.48
C ILE A 603 34.67 10.75 -10.24
N ASP A 604 35.98 10.69 -10.40
CA ASP A 604 36.69 9.42 -10.32
C ASP A 604 37.33 9.17 -8.97
N LYS A 605 37.78 10.24 -8.32
CA LYS A 605 38.38 10.14 -6.99
C LYS A 605 37.32 9.78 -5.95
N THR A 606 37.66 8.83 -5.08
CA THR A 606 36.78 8.43 -3.98
C THR A 606 36.93 9.42 -2.82
N LEU A 607 36.37 9.07 -1.66
CA LEU A 607 36.51 9.92 -0.48
C LEU A 607 37.85 9.69 0.25
N ASN A 608 38.47 8.54 -0.04
CA ASN A 608 39.75 8.17 0.56
C ASN A 608 40.38 7.02 -0.21
N GLU A 609 41.40 7.33 -1.00
CA GLU A 609 42.12 6.32 -1.79
C GLU A 609 42.70 5.21 -0.90
N ALA A 610 43.22 5.60 0.26
CA ALA A 610 43.82 4.67 1.22
C ALA A 610 42.84 3.67 1.84
N ASP A 611 41.55 4.02 1.85
CA ASP A 611 40.52 3.14 2.41
C ASP A 611 39.70 2.49 1.30
N CYS A 612 39.52 3.21 0.20
CA CYS A 612 38.75 2.72 -0.95
C CYS A 612 39.36 3.22 -2.27
N ALA A 613 40.06 2.34 -2.97
CA ALA A 613 40.84 2.71 -4.16
C ALA A 613 39.97 2.95 -5.38
N THR A 614 40.29 4.01 -6.13
CA THR A 614 39.64 4.34 -7.40
C THR A 614 39.75 3.19 -8.39
N VAL A 615 38.65 2.91 -9.08
CA VAL A 615 38.64 1.89 -10.13
C VAL A 615 38.58 2.57 -11.49
N PRO A 616 39.73 2.58 -12.22
CA PRO A 616 39.81 3.15 -13.56
C PRO A 616 38.99 2.34 -14.56
N PRO A 617 38.61 2.95 -15.70
CA PRO A 617 37.86 2.24 -16.74
C PRO A 617 38.59 1.03 -17.31
N ALA A 618 37.83 -0.03 -17.57
CA ALA A 618 38.34 -1.24 -18.22
C ALA A 618 37.33 -1.76 -19.23
N ILE A 619 37.64 -2.87 -19.89
CA ILE A 619 36.67 -3.54 -20.77
C ILE A 619 35.56 -4.12 -19.90
N ARG A 620 34.33 -3.72 -20.18
CA ARG A 620 33.19 -4.10 -19.35
C ARG A 620 32.24 -5.05 -20.06
N SER A 621 32.37 -6.34 -19.73
CA SER A 621 31.43 -7.37 -20.16
C SER A 621 31.29 -8.43 -19.07
N TYR A 622 30.14 -9.09 -19.04
CA TYR A 622 29.84 -10.07 -17.99
C TYR A 622 29.80 -11.49 -18.53
N PRO B 9 -17.50 -7.03 -31.67
CA PRO B 9 -17.57 -6.08 -30.58
C PRO B 9 -18.31 -6.63 -29.36
N ARG B 10 -17.69 -6.54 -28.18
CA ARG B 10 -18.25 -7.04 -26.92
C ARG B 10 -18.45 -5.92 -25.89
N ILE B 11 -19.69 -5.44 -25.77
CA ILE B 11 -20.00 -4.23 -25.00
C ILE B 11 -20.51 -4.54 -23.58
N LYS B 12 -19.73 -4.11 -22.58
CA LYS B 12 -20.05 -4.33 -21.17
C LYS B 12 -20.45 -3.02 -20.49
N LYS B 13 -21.54 -3.04 -19.73
CA LYS B 13 -22.06 -1.85 -19.07
C LYS B 13 -21.57 -1.70 -17.63
N PHE B 14 -21.22 -0.47 -17.26
CA PHE B 14 -20.75 -0.15 -15.91
C PHE B 14 -21.63 0.92 -15.28
N ALA B 15 -22.21 0.61 -14.12
CA ALA B 15 -22.98 1.59 -13.36
C ALA B 15 -22.15 2.12 -12.18
N ILE B 16 -21.81 3.41 -12.24
CA ILE B 16 -20.86 4.01 -11.30
C ILE B 16 -21.47 5.14 -10.46
N TYR B 17 -21.17 5.11 -9.17
CA TYR B 17 -21.59 6.13 -8.20
C TYR B 17 -20.92 7.46 -8.45
N ARG B 18 -21.71 8.53 -8.51
CA ARG B 18 -21.17 9.86 -8.81
C ARG B 18 -21.66 10.93 -7.85
N TRP B 19 -20.76 11.85 -7.49
CA TRP B 19 -21.11 13.06 -6.73
C TRP B 19 -20.04 14.14 -6.87
N ASP B 20 -20.46 15.36 -7.21
CA ASP B 20 -19.56 16.49 -7.40
C ASP B 20 -19.84 17.60 -6.38
N PRO B 21 -18.96 17.76 -5.38
CA PRO B 21 -19.10 18.79 -4.34
C PRO B 21 -19.00 20.23 -4.87
N ASP B 22 -18.38 20.41 -6.03
CA ASP B 22 -18.20 21.75 -6.61
C ASP B 22 -19.38 22.18 -7.47
N LYS B 23 -20.39 21.30 -7.55
CA LYS B 23 -21.62 21.54 -8.30
C LYS B 23 -22.73 21.91 -7.31
N THR B 24 -23.40 23.04 -7.57
CA THR B 24 -24.45 23.55 -6.68
C THR B 24 -25.52 22.49 -6.41
N GLY B 25 -25.70 22.17 -5.13
CA GLY B 25 -26.76 21.27 -4.67
C GLY B 25 -26.94 19.98 -5.43
N ASP B 26 -25.83 19.34 -5.78
CA ASP B 26 -25.86 18.04 -6.46
C ASP B 26 -26.06 16.91 -5.45
N LYS B 27 -26.90 15.95 -5.81
CA LYS B 27 -27.17 14.80 -4.95
C LYS B 27 -26.50 13.55 -5.56
N PRO B 28 -26.21 12.52 -4.74
CA PRO B 28 -25.56 11.30 -5.24
C PRO B 28 -26.43 10.52 -6.22
N HIS B 29 -25.83 10.06 -7.32
CA HIS B 29 -26.55 9.34 -8.38
C HIS B 29 -25.64 8.31 -9.07
N MET B 30 -26.25 7.43 -9.86
CA MET B 30 -25.52 6.43 -10.63
C MET B 30 -25.40 6.86 -12.08
N GLN B 31 -24.23 6.64 -12.68
CA GLN B 31 -24.05 6.88 -14.11
C GLN B 31 -23.52 5.64 -14.80
N THR B 32 -24.07 5.34 -15.97
CA THR B 32 -23.70 4.14 -16.72
C THR B 32 -22.83 4.47 -17.92
N TYR B 33 -21.78 3.67 -18.11
CA TYR B 33 -20.89 3.78 -19.26
C TYR B 33 -20.85 2.43 -19.98
N GLU B 34 -20.49 2.47 -21.26
CA GLU B 34 -20.45 1.26 -22.08
C GLU B 34 -19.09 1.10 -22.77
N ILE B 35 -18.49 -0.08 -22.62
CA ILE B 35 -17.10 -0.30 -23.01
C ILE B 35 -16.93 -1.55 -23.88
N ASP B 36 -16.23 -1.40 -25.01
CA ASP B 36 -15.85 -2.54 -25.83
C ASP B 36 -14.66 -3.25 -25.17
N LEU B 37 -14.90 -4.47 -24.71
CA LEU B 37 -13.90 -5.22 -23.94
C LEU B 37 -12.71 -5.76 -24.75
N ASN B 38 -12.84 -5.76 -26.08
CA ASN B 38 -11.72 -6.14 -26.95
C ASN B 38 -10.65 -5.06 -26.98
N ASN B 39 -11.06 -3.82 -26.70
CA ASN B 39 -10.17 -2.66 -26.69
C ASN B 39 -9.95 -2.11 -25.28
N CYS B 40 -9.76 -3.02 -24.33
CA CYS B 40 -9.66 -2.70 -22.90
C CYS B 40 -9.00 -3.85 -22.14
N GLY B 41 -8.14 -3.53 -21.18
CA GLY B 41 -7.54 -4.53 -20.31
C GLY B 41 -8.56 -5.32 -19.50
N PRO B 42 -8.13 -6.40 -18.83
CA PRO B 42 -9.06 -7.32 -18.17
C PRO B 42 -9.67 -6.80 -16.86
N MET B 43 -8.93 -5.95 -16.15
CA MET B 43 -9.31 -5.52 -14.80
C MET B 43 -10.25 -4.31 -14.78
N VAL B 44 -11.01 -4.19 -13.70
CA VAL B 44 -11.99 -3.10 -13.54
C VAL B 44 -11.32 -1.74 -13.64
N LEU B 45 -10.15 -1.59 -13.04
CA LEU B 45 -9.41 -0.34 -13.11
C LEU B 45 -9.14 0.07 -14.56
N ASP B 46 -8.81 -0.90 -15.39
CA ASP B 46 -8.59 -0.69 -16.83
C ASP B 46 -9.79 -0.01 -17.47
N ALA B 47 -10.98 -0.49 -17.11
CA ALA B 47 -12.23 0.11 -17.58
C ALA B 47 -12.35 1.54 -17.09
N LEU B 48 -12.35 1.71 -15.76
CA LEU B 48 -12.36 3.02 -15.13
C LEU B 48 -11.42 4.01 -15.82
N ILE B 49 -10.17 3.58 -16.02
CA ILE B 49 -9.13 4.34 -16.72
C ILE B 49 -9.57 4.68 -18.15
N LYS B 50 -10.09 3.68 -18.87
CA LYS B 50 -10.56 3.88 -20.24
C LYS B 50 -11.73 4.86 -20.31
N ILE B 51 -12.74 4.66 -19.46
CA ILE B 51 -13.90 5.55 -19.44
C ILE B 51 -13.51 6.95 -18.96
N LYS B 52 -12.45 7.03 -18.15
CA LYS B 52 -11.90 8.30 -17.69
C LYS B 52 -11.19 9.03 -18.84
N ASN B 53 -10.34 8.31 -19.56
CA ASN B 53 -9.52 8.87 -20.64
C ASN B 53 -10.33 9.19 -21.88
N GLU B 54 -11.28 8.31 -22.21
CA GLU B 54 -11.93 8.34 -23.51
C GLU B 54 -13.36 8.86 -23.47
N ILE B 55 -14.10 8.51 -22.41
CA ILE B 55 -15.52 8.86 -22.31
C ILE B 55 -15.79 10.08 -21.42
N ASP B 56 -15.33 10.02 -20.17
CA ASP B 56 -15.63 11.04 -19.17
C ASP B 56 -14.46 11.20 -18.19
N SER B 57 -13.83 12.37 -18.21
CA SER B 57 -12.72 12.67 -17.31
C SER B 57 -13.18 13.37 -16.02
N THR B 58 -14.49 13.45 -15.80
CA THR B 58 -15.03 13.99 -14.56
C THR B 58 -15.08 12.88 -13.52
N LEU B 59 -14.91 11.64 -13.99
CA LEU B 59 -14.78 10.49 -13.11
C LEU B 59 -13.48 10.59 -12.30
N THR B 60 -13.59 10.44 -10.99
CA THR B 60 -12.48 10.69 -10.09
C THR B 60 -12.30 9.55 -9.10
N PHE B 61 -11.11 8.95 -9.12
CA PHE B 61 -10.80 7.80 -8.26
C PHE B 61 -9.32 7.80 -7.92
N ARG B 62 -8.96 7.04 -6.89
CA ARG B 62 -7.57 6.88 -6.50
C ARG B 62 -6.95 5.66 -7.18
N ARG B 63 -5.70 5.78 -7.61
CA ARG B 63 -4.97 4.68 -8.26
C ARG B 63 -3.47 4.95 -8.33
N SER B 64 -2.65 3.90 -8.29
CA SER B 64 -1.20 4.06 -8.49
C SER B 64 -0.52 2.89 -9.20
N CYS B 65 -0.39 1.75 -8.51
CA CYS B 65 0.48 0.66 -8.96
C CYS B 65 -0.11 -0.25 -10.03
N ARG B 66 -1.44 -0.25 -10.16
CA ARG B 66 -2.20 -1.22 -11.01
C ARG B 66 -1.73 -2.68 -10.91
N GLU B 67 -1.16 -3.01 -9.76
CA GLU B 67 -0.40 -4.23 -9.51
C GLU B 67 -0.99 -4.95 -8.29
N GLY B 68 -1.92 -4.26 -7.64
CA GLY B 68 -2.57 -4.74 -6.43
C GLY B 68 -1.71 -4.69 -5.18
N ILE B 69 -0.72 -3.80 -5.15
CA ILE B 69 0.18 -3.71 -3.98
C ILE B 69 0.37 -2.33 -3.34
N CYS B 70 -0.43 -1.35 -3.74
CA CYS B 70 -0.39 -0.05 -3.08
C CYS B 70 -1.61 0.17 -2.19
N GLY B 71 -2.78 -0.28 -2.67
CA GLY B 71 -4.02 -0.20 -1.90
C GLY B 71 -4.85 1.04 -2.14
N SER B 72 -4.46 1.85 -3.13
CA SER B 72 -5.15 3.10 -3.45
C SER B 72 -6.55 2.91 -4.00
N CYS B 73 -6.70 1.98 -4.94
CA CYS B 73 -7.92 1.86 -5.74
C CYS B 73 -9.04 1.03 -5.08
N ALA B 74 -8.90 0.76 -3.79
CA ALA B 74 -9.88 -0.02 -3.05
C ALA B 74 -11.27 0.58 -3.21
N MET B 75 -12.24 -0.26 -3.57
CA MET B 75 -13.63 0.18 -3.74
C MET B 75 -14.61 -1.00 -3.68
N ASN B 76 -15.90 -0.69 -3.72
CA ASN B 76 -16.95 -1.70 -3.71
C ASN B 76 -17.43 -2.05 -5.12
N ILE B 77 -16.91 -3.16 -5.65
CA ILE B 77 -17.32 -3.66 -6.97
C ILE B 77 -18.31 -4.80 -6.78
N ASN B 78 -19.46 -4.68 -7.45
CA ASN B 78 -20.52 -5.70 -7.44
C ASN B 78 -20.78 -6.31 -6.06
N GLY B 79 -20.84 -5.45 -5.04
CA GLY B 79 -21.18 -5.90 -3.69
C GLY B 79 -20.04 -5.93 -2.70
N GLY B 80 -18.91 -6.52 -3.10
CA GLY B 80 -17.77 -6.70 -2.20
C GLY B 80 -16.67 -5.66 -2.36
N ASN B 81 -15.90 -5.47 -1.29
CA ASN B 81 -14.75 -4.57 -1.31
C ASN B 81 -13.52 -5.30 -1.82
N THR B 82 -12.98 -4.83 -2.93
CA THR B 82 -11.67 -5.30 -3.41
C THR B 82 -10.83 -4.17 -3.97
N LEU B 83 -9.82 -4.55 -4.73
CA LEU B 83 -9.02 -3.62 -5.50
C LEU B 83 -9.45 -3.72 -6.95
N ALA B 84 -9.70 -2.57 -7.57
CA ALA B 84 -10.18 -2.53 -8.95
C ALA B 84 -9.14 -3.02 -9.98
N CYS B 85 -7.87 -2.98 -9.59
CA CYS B 85 -6.76 -3.36 -10.47
C CYS B 85 -6.46 -4.87 -10.46
N THR B 86 -7.09 -5.60 -9.54
CA THR B 86 -6.91 -7.04 -9.40
C THR B 86 -8.20 -7.79 -9.78
N ARG B 87 -9.32 -7.08 -9.72
CA ARG B 87 -10.61 -7.65 -10.11
C ARG B 87 -10.80 -7.59 -11.62
N ARG B 88 -10.83 -8.73 -12.27
CA ARG B 88 -11.15 -8.78 -13.68
C ARG B 88 -12.64 -8.56 -13.89
N ILE B 89 -12.98 -7.91 -15.00
CA ILE B 89 -14.36 -7.63 -15.35
C ILE B 89 -15.04 -8.94 -15.69
N ASP B 90 -16.27 -9.12 -15.20
CA ASP B 90 -17.07 -10.28 -15.54
C ASP B 90 -17.53 -10.13 -17.00
N THR B 91 -16.94 -10.94 -17.88
CA THR B 91 -17.17 -10.84 -19.33
C THR B 91 -18.63 -11.06 -19.72
N ASN B 92 -19.42 -11.60 -18.79
CA ASN B 92 -20.86 -11.77 -19.00
C ASN B 92 -21.55 -10.44 -19.26
N LEU B 93 -22.03 -10.26 -20.49
CA LEU B 93 -22.54 -8.98 -20.95
C LEU B 93 -23.96 -8.68 -20.47
N ASP B 94 -24.67 -9.71 -20.06
CA ASP B 94 -26.04 -9.56 -19.55
C ASP B 94 -26.08 -8.92 -18.17
N LYS B 95 -25.03 -9.15 -17.38
CA LYS B 95 -24.87 -8.50 -16.09
C LYS B 95 -24.25 -7.12 -16.27
N VAL B 96 -24.55 -6.22 -15.36
CA VAL B 96 -24.03 -4.85 -15.40
C VAL B 96 -23.21 -4.57 -14.13
N SER B 97 -21.92 -4.29 -14.29
CA SER B 97 -21.03 -4.05 -13.16
C SER B 97 -21.38 -2.76 -12.41
N LYS B 98 -21.80 -2.91 -11.16
CA LYS B 98 -22.11 -1.78 -10.28
C LYS B 98 -20.87 -1.44 -9.45
N ILE B 99 -20.45 -0.18 -9.53
CA ILE B 99 -19.25 0.29 -8.81
C ILE B 99 -19.58 1.40 -7.81
N TYR B 100 -19.30 1.13 -6.54
CA TYR B 100 -19.56 2.06 -5.44
C TYR B 100 -18.27 2.39 -4.68
N PRO B 101 -18.26 3.50 -3.91
CA PRO B 101 -17.15 3.78 -3.00
C PRO B 101 -17.21 2.89 -1.80
N LEU B 102 -16.09 2.76 -1.08
CA LEU B 102 -16.03 1.97 0.14
C LEU B 102 -17.19 2.34 1.08
N PRO B 103 -18.05 1.36 1.41
CA PRO B 103 -19.26 1.46 2.22
C PRO B 103 -19.14 2.28 3.51
N HIS B 104 -20.19 3.06 3.82
CA HIS B 104 -20.30 3.84 5.06
C HIS B 104 -19.03 4.66 5.32
N MET B 105 -18.68 5.48 4.33
CA MET B 105 -17.57 6.42 4.46
C MET B 105 -18.01 7.74 3.87
N TYR B 106 -17.46 8.82 4.42
CA TYR B 106 -17.75 10.15 3.91
C TYR B 106 -17.12 10.32 2.54
N VAL B 107 -17.96 10.59 1.53
CA VAL B 107 -17.50 10.70 0.16
C VAL B 107 -16.99 12.12 -0.12
N ILE B 108 -15.71 12.23 -0.50
CA ILE B 108 -15.12 13.51 -0.84
C ILE B 108 -15.63 13.95 -2.21
N LYS B 109 -15.54 13.03 -3.17
CA LYS B 109 -16.00 13.22 -4.55
C LYS B 109 -15.94 11.89 -5.32
N ASP B 110 -17.07 11.46 -5.87
CA ASP B 110 -17.16 10.23 -6.66
C ASP B 110 -16.70 9.09 -5.73
N LEU B 111 -15.73 8.30 -6.20
CA LEU B 111 -15.30 7.11 -5.48
C LEU B 111 -14.13 7.29 -4.50
N VAL B 112 -13.94 8.54 -4.06
CA VAL B 112 -12.82 8.90 -3.21
C VAL B 112 -13.32 9.14 -1.77
N PRO B 113 -13.11 8.15 -0.88
CA PRO B 113 -13.57 8.28 0.50
C PRO B 113 -12.55 8.99 1.38
N ASP B 114 -13.05 9.71 2.39
CA ASP B 114 -12.18 10.33 3.39
C ASP B 114 -11.68 9.24 4.34
N LEU B 115 -10.40 8.93 4.22
CA LEU B 115 -9.77 7.86 4.99
C LEU B 115 -9.00 8.41 6.19
N SER B 116 -9.10 9.72 6.44
CA SER B 116 -8.38 10.42 7.51
C SER B 116 -8.42 9.71 8.86
N ASN B 117 -9.62 9.29 9.24
CA ASN B 117 -9.85 8.61 10.50
C ASN B 117 -9.21 7.23 10.47
N PHE B 118 -9.28 6.56 9.31
CA PHE B 118 -8.70 5.23 9.15
C PHE B 118 -7.23 5.23 9.54
N TYR B 119 -6.48 6.19 8.98
CA TYR B 119 -5.03 6.30 9.18
C TYR B 119 -4.67 6.70 10.60
N ALA B 120 -5.50 7.56 11.18
CA ALA B 120 -5.29 8.07 12.53
C ALA B 120 -5.41 6.94 13.53
N GLN B 121 -6.37 6.05 13.29
CA GLN B 121 -6.53 4.84 14.09
C GLN B 121 -5.28 3.97 14.01
N TYR B 122 -4.75 3.84 12.80
CA TYR B 122 -3.51 3.13 12.57
C TYR B 122 -2.37 3.73 13.39
N LYS B 123 -2.30 5.06 13.42
CA LYS B 123 -1.29 5.76 14.20
C LYS B 123 -1.39 5.47 15.70
N SER B 124 -2.62 5.38 16.21
CA SER B 124 -2.86 5.30 17.65
C SER B 124 -2.38 3.99 18.29
N ILE B 125 -1.89 3.06 17.47
CA ILE B 125 -1.44 1.76 17.97
C ILE B 125 0.08 1.61 17.92
N GLU B 126 0.74 2.62 17.37
CA GLU B 126 2.20 2.67 17.27
C GLU B 126 2.80 1.49 16.49
N PRO B 127 2.61 1.50 15.14
CA PRO B 127 3.10 0.44 14.26
C PRO B 127 4.60 0.56 13.97
N TYR B 128 5.41 0.48 15.01
CA TYR B 128 6.86 0.48 14.90
C TYR B 128 7.50 -0.33 16.02
N LEU B 129 8.75 -0.72 15.86
CA LEU B 129 9.43 -1.50 16.87
C LEU B 129 9.64 -0.65 18.11
N LYS B 130 9.39 -1.25 19.26
CA LYS B 130 9.61 -0.58 20.55
C LYS B 130 10.46 -1.47 21.44
N LYS B 131 11.63 -0.95 21.82
CA LYS B 131 12.54 -1.64 22.70
C LYS B 131 12.71 -0.86 24.02
N LYS B 132 12.86 -1.59 25.11
CA LYS B 132 13.00 -0.98 26.45
C LYS B 132 14.32 -0.21 26.61
N ASP B 133 15.35 -0.65 25.89
CA ASP B 133 16.63 0.06 25.87
C ASP B 133 17.05 0.34 24.43
N GLU B 134 16.50 1.40 23.86
CA GLU B 134 16.81 1.81 22.48
C GLU B 134 18.08 2.65 22.38
N SER B 135 19.01 2.40 23.31
CA SER B 135 20.28 3.11 23.38
C SER B 135 21.39 2.37 22.63
N GLN B 136 21.02 1.31 21.91
CA GLN B 136 21.97 0.49 21.16
C GLN B 136 21.58 0.35 19.69
N GLU B 137 20.47 0.98 19.30
CA GLU B 137 19.93 0.81 17.96
C GLU B 137 20.80 1.38 16.84
N GLY B 138 20.65 0.82 15.64
CA GLY B 138 21.37 1.25 14.45
C GLY B 138 22.81 0.78 14.34
N LYS B 139 23.19 -0.24 15.08
CA LYS B 139 24.56 -0.79 14.98
C LYS B 139 24.66 -2.31 14.90
N GLN B 140 23.72 -3.01 15.52
CA GLN B 140 23.68 -4.46 15.40
C GLN B 140 22.34 -4.93 14.90
N GLN B 141 22.34 -5.79 13.89
CA GLN B 141 21.10 -6.43 13.46
C GLN B 141 20.56 -7.31 14.60
N TYR B 142 19.27 -7.15 14.90
CA TYR B 142 18.64 -7.95 15.94
C TYR B 142 18.46 -9.39 15.49
N LEU B 143 18.61 -10.33 16.41
CA LEU B 143 18.45 -11.73 16.09
C LEU B 143 17.00 -12.16 16.20
N GLN B 144 16.46 -12.61 15.07
CA GLN B 144 15.14 -13.24 15.02
C GLN B 144 15.28 -14.58 14.31
N SER B 145 14.89 -15.65 15.01
CA SER B 145 15.00 -17.01 14.45
C SER B 145 13.97 -17.20 13.34
N ILE B 146 14.29 -18.09 12.41
CA ILE B 146 13.43 -18.39 11.27
C ILE B 146 11.98 -18.69 11.69
N GLU B 147 11.82 -19.43 12.79
CA GLU B 147 10.52 -19.81 13.32
C GLU B 147 9.76 -18.60 13.90
N GLU B 148 10.50 -17.67 14.51
CA GLU B 148 9.93 -16.44 15.06
C GLU B 148 9.49 -15.51 13.94
N ARG B 149 10.07 -15.70 12.77
CA ARG B 149 9.78 -14.88 11.60
C ARG B 149 8.54 -15.37 10.83
N GLU B 150 8.32 -16.69 10.79
CA GLU B 150 7.13 -17.26 10.14
C GLU B 150 5.85 -16.73 10.79
N LYS B 151 5.96 -16.41 12.07
CA LYS B 151 4.81 -15.96 12.86
C LYS B 151 4.25 -14.64 12.36
N LEU B 152 5.01 -13.96 11.51
CA LEU B 152 4.61 -12.66 10.95
C LEU B 152 4.02 -12.77 9.54
N ASP B 153 4.13 -13.96 8.94
CA ASP B 153 3.50 -14.22 7.65
C ASP B 153 1.98 -14.14 7.78
N GLY B 154 1.32 -13.70 6.72
CA GLY B 154 -0.13 -13.48 6.77
C GLY B 154 -0.50 -12.25 7.59
N LEU B 155 0.51 -11.51 8.05
CA LEU B 155 0.29 -10.30 8.86
C LEU B 155 0.96 -9.07 8.26
N TYR B 156 2.25 -9.18 7.90
CA TYR B 156 3.01 -8.03 7.36
C TYR B 156 2.56 -7.63 5.97
N GLU B 157 1.94 -8.55 5.25
CA GLU B 157 1.58 -8.33 3.84
C GLU B 157 0.49 -7.28 3.66
N CYS B 158 -0.22 -6.96 4.74
CA CYS B 158 -1.30 -5.99 4.72
C CYS B 158 -0.89 -4.74 3.96
N ILE B 159 -1.83 -4.18 3.22
CA ILE B 159 -1.51 -3.10 2.31
C ILE B 159 -2.22 -1.80 2.72
N LEU B 160 -2.99 -1.88 3.81
CA LEU B 160 -3.83 -0.79 4.32
C LEU B 160 -4.80 -0.24 3.27
N CYS B 161 -5.45 -1.14 2.53
CA CYS B 161 -6.42 -0.75 1.50
C CYS B 161 -7.72 -0.28 2.13
N ALA B 162 -7.95 -0.73 3.37
CA ALA B 162 -9.14 -0.40 4.15
C ALA B 162 -10.40 -1.11 3.63
N CYS B 163 -10.21 -2.23 2.94
CA CYS B 163 -11.34 -3.00 2.41
C CYS B 163 -12.11 -3.70 3.51
N CYS B 164 -11.39 -4.39 4.38
CA CYS B 164 -11.98 -5.15 5.47
C CYS B 164 -12.75 -4.27 6.45
N SER B 165 -12.09 -3.24 6.99
CA SER B 165 -12.72 -2.37 7.98
C SER B 165 -13.99 -1.73 7.42
N THR B 166 -13.99 -1.50 6.12
CA THR B 166 -15.11 -0.86 5.44
C THR B 166 -16.19 -1.86 5.07
N SER B 167 -15.85 -3.14 5.17
CA SER B 167 -16.82 -4.22 4.99
C SER B 167 -17.37 -4.66 6.34
N CYS B 168 -17.02 -3.92 7.38
CA CYS B 168 -17.32 -4.35 8.74
C CYS B 168 -18.47 -3.58 9.38
N PRO B 169 -19.58 -4.27 9.68
CA PRO B 169 -20.75 -3.63 10.28
C PRO B 169 -20.47 -2.92 11.60
N SER B 170 -19.57 -3.45 12.42
CA SER B 170 -19.19 -2.77 13.67
C SER B 170 -18.45 -1.46 13.39
N TYR B 171 -17.66 -1.46 12.32
CA TYR B 171 -16.92 -0.27 11.89
C TYR B 171 -17.86 0.74 11.19
N TRP B 172 -19.02 0.28 10.74
CA TRP B 172 -20.02 1.19 10.21
C TRP B 172 -20.66 1.95 11.37
N TRP B 173 -21.28 1.19 12.28
CA TRP B 173 -22.00 1.76 13.42
C TRP B 173 -21.10 2.45 14.42
N ASN B 174 -19.84 2.04 14.51
CA ASN B 174 -18.95 2.56 15.54
C ASN B 174 -17.54 2.90 15.05
N GLY B 175 -17.46 3.38 13.81
CA GLY B 175 -16.19 3.76 13.19
C GLY B 175 -15.35 4.77 13.95
N ASP B 176 -15.97 5.49 14.87
CA ASP B 176 -15.27 6.50 15.67
C ASP B 176 -14.42 5.87 16.78
N LYS B 177 -15.02 5.01 17.58
CA LYS B 177 -14.37 4.46 18.78
C LYS B 177 -13.74 3.07 18.59
N TYR B 178 -14.12 2.37 17.53
CA TYR B 178 -13.64 1.01 17.25
C TYR B 178 -12.62 0.98 16.11
N LEU B 179 -11.49 0.33 16.36
CA LEU B 179 -10.33 0.39 15.45
C LEU B 179 -10.47 -0.41 14.15
N GLY B 180 -11.30 -1.45 14.16
CA GLY B 180 -11.56 -2.21 12.93
C GLY B 180 -10.46 -3.20 12.54
N PRO B 181 -10.81 -4.23 11.75
CA PRO B 181 -9.94 -5.37 11.41
C PRO B 181 -8.58 -4.98 10.87
N ALA B 182 -8.53 -3.99 9.97
CA ALA B 182 -7.27 -3.56 9.37
C ALA B 182 -6.24 -3.18 10.44
N VAL B 183 -6.57 -2.14 11.20
CA VAL B 183 -5.71 -1.61 12.25
C VAL B 183 -5.43 -2.64 13.34
N LEU B 184 -6.45 -3.40 13.71
CA LEU B 184 -6.32 -4.37 14.79
C LEU B 184 -5.29 -5.44 14.47
N MET B 185 -5.28 -5.89 13.21
CA MET B 185 -4.34 -6.93 12.80
C MET B 185 -2.89 -6.45 12.92
N GLN B 186 -2.67 -5.15 12.74
CA GLN B 186 -1.33 -4.60 12.83
C GLN B 186 -0.87 -4.46 14.27
N ALA B 187 -1.84 -4.24 15.16
CA ALA B 187 -1.54 -4.22 16.59
C ALA B 187 -1.06 -5.60 16.98
N TYR B 188 -1.71 -6.62 16.41
CA TYR B 188 -1.34 -8.01 16.64
C TYR B 188 0.02 -8.30 16.02
N ARG B 189 0.23 -7.80 14.81
CA ARG B 189 1.50 -7.94 14.09
C ARG B 189 2.70 -7.56 14.95
N TRP B 190 2.56 -6.49 15.73
CA TRP B 190 3.63 -6.01 16.60
C TRP B 190 3.61 -6.68 17.96
N MET B 191 2.48 -7.26 18.33
CA MET B 191 2.40 -7.98 19.57
C MET B 191 3.31 -9.20 19.51
N ILE B 192 3.26 -9.94 18.41
CA ILE B 192 4.04 -11.18 18.28
C ILE B 192 5.32 -11.04 17.42
N ASP B 193 5.78 -9.81 17.21
CA ASP B 193 7.11 -9.65 16.66
C ASP B 193 8.09 -9.88 17.80
N SER B 194 8.87 -10.96 17.70
CA SER B 194 9.75 -11.39 18.80
C SER B 194 10.77 -10.32 19.21
N ARG B 195 10.97 -9.34 18.33
CA ARG B 195 11.90 -8.24 18.54
C ARG B 195 11.30 -7.12 19.41
N ASP B 196 9.99 -7.15 19.61
CA ASP B 196 9.26 -6.11 20.35
C ASP B 196 9.29 -6.35 21.86
N ASP B 197 9.37 -5.25 22.62
CA ASP B 197 9.45 -5.34 24.08
C ASP B 197 8.19 -4.82 24.79
N PHE B 198 7.27 -4.26 24.02
CA PHE B 198 6.10 -3.60 24.60
C PHE B 198 4.78 -4.39 24.50
N THR B 199 4.87 -5.72 24.51
CA THR B 199 3.71 -6.60 24.27
C THR B 199 2.57 -6.45 25.27
N GLU B 200 2.90 -6.38 26.57
CA GLU B 200 1.90 -6.20 27.62
C GLU B 200 1.15 -4.87 27.47
N GLU B 201 1.91 -3.79 27.32
CA GLU B 201 1.34 -2.44 27.24
C GLU B 201 0.61 -2.18 25.93
N ARG B 202 0.89 -2.98 24.91
CA ARG B 202 0.15 -2.93 23.66
C ARG B 202 -1.25 -3.51 23.82
N LEU B 203 -1.36 -4.47 24.74
CA LEU B 203 -2.62 -5.12 25.04
C LEU B 203 -3.46 -4.28 25.98
N ALA B 204 -2.78 -3.58 26.90
CA ALA B 204 -3.45 -2.70 27.85
C ALA B 204 -4.12 -1.51 27.16
N LYS B 205 -3.57 -1.13 25.99
CA LYS B 205 -4.09 -0.03 25.18
C LYS B 205 -5.44 -0.37 24.55
N LEU B 206 -5.88 -1.62 24.71
CA LEU B 206 -7.17 -2.08 24.17
C LEU B 206 -8.20 -2.36 25.26
N GLN B 207 -7.84 -2.06 26.51
CA GLN B 207 -8.68 -2.39 27.66
C GLN B 207 -9.82 -1.41 27.87
N ASP B 208 -10.72 -1.35 26.90
CA ASP B 208 -11.95 -0.59 26.96
C ASP B 208 -12.95 -1.30 26.03
N PRO B 209 -14.25 -0.96 26.14
CA PRO B 209 -15.26 -1.79 25.46
C PRO B 209 -15.36 -1.56 23.95
N PHE B 210 -14.64 -0.58 23.42
CA PHE B 210 -14.78 -0.19 22.02
C PHE B 210 -13.60 -0.57 21.12
N SER B 211 -12.38 -0.23 21.54
CA SER B 211 -11.19 -0.36 20.68
C SER B 211 -11.06 -1.72 20.00
N LEU B 212 -11.13 -2.79 20.81
CA LEU B 212 -11.07 -4.16 20.30
C LEU B 212 -12.42 -4.87 20.46
N TYR B 213 -13.08 -4.66 21.58
CA TYR B 213 -14.23 -5.49 21.97
C TYR B 213 -15.55 -5.15 21.29
N ARG B 214 -15.44 -4.54 20.11
CA ARG B 214 -16.61 -4.23 19.31
C ARG B 214 -16.74 -5.21 18.15
N CYS B 215 -15.83 -6.17 18.06
CA CYS B 215 -16.05 -7.22 17.09
C CYS B 215 -16.75 -8.40 17.70
N HIS B 216 -17.86 -8.77 17.08
CA HIS B 216 -18.69 -9.87 17.53
C HIS B 216 -18.55 -11.05 16.57
N THR B 217 -17.39 -11.09 15.89
CA THR B 217 -17.03 -12.15 14.92
C THR B 217 -18.05 -12.31 13.77
N ILE B 218 -18.11 -11.30 12.93
CA ILE B 218 -18.97 -11.31 11.75
C ILE B 218 -18.20 -11.95 10.61
N MET B 219 -16.86 -11.94 10.72
CA MET B 219 -15.96 -12.55 9.74
C MET B 219 -16.11 -12.04 8.31
N ASN B 220 -16.93 -11.02 8.11
CA ASN B 220 -17.14 -10.40 6.80
C ASN B 220 -15.91 -9.64 6.31
N CYS B 221 -15.06 -9.23 7.26
CA CYS B 221 -13.78 -8.58 6.98
C CYS B 221 -12.79 -9.50 6.25
N THR B 222 -12.61 -10.71 6.78
CA THR B 222 -11.65 -11.68 6.22
C THR B 222 -12.04 -12.16 4.84
N GLY B 223 -13.34 -12.41 4.66
CA GLY B 223 -13.87 -12.82 3.37
C GLY B 223 -13.57 -11.84 2.26
N THR B 224 -13.44 -10.57 2.61
CA THR B 224 -13.29 -9.50 1.61
C THR B 224 -11.84 -9.12 1.28
N CYS B 225 -10.89 -9.45 2.16
CA CYS B 225 -9.51 -9.00 1.99
C CYS B 225 -8.94 -9.38 0.64
N PRO B 226 -8.46 -8.39 -0.13
CA PRO B 226 -7.98 -8.65 -1.49
C PRO B 226 -6.65 -9.38 -1.50
N LYS B 227 -5.90 -9.33 -0.40
CA LYS B 227 -4.57 -9.93 -0.33
C LYS B 227 -4.57 -11.35 0.22
N GLY B 228 -5.75 -11.84 0.59
CA GLY B 228 -5.90 -13.20 1.10
C GLY B 228 -5.70 -13.33 2.61
N LEU B 229 -5.45 -12.21 3.27
CA LEU B 229 -5.13 -12.18 4.69
C LEU B 229 -6.36 -12.43 5.55
N ASN B 230 -6.13 -12.74 6.83
CA ASN B 230 -7.20 -13.12 7.73
C ASN B 230 -7.24 -12.26 9.01
N PRO B 231 -7.75 -11.01 8.89
CA PRO B 231 -7.77 -10.12 10.06
C PRO B 231 -8.68 -10.67 11.17
N GLY B 232 -9.75 -11.35 10.77
CA GLY B 232 -10.70 -11.95 11.71
C GLY B 232 -9.99 -12.85 12.67
N LYS B 233 -9.27 -13.83 12.12
CA LYS B 233 -8.51 -14.80 12.90
C LYS B 233 -7.55 -14.11 13.88
N ALA B 234 -6.86 -13.07 13.40
CA ALA B 234 -5.85 -12.40 14.20
C ALA B 234 -6.49 -11.62 15.35
N ILE B 235 -7.72 -11.16 15.15
CA ILE B 235 -8.48 -10.47 16.19
C ILE B 235 -8.84 -11.43 17.34
N ALA B 236 -9.38 -12.59 16.98
CA ALA B 236 -9.71 -13.62 17.96
C ALA B 236 -8.45 -14.11 18.67
N GLU B 237 -7.32 -13.98 17.97
CA GLU B 237 -6.04 -14.32 18.54
C GLU B 237 -5.63 -13.24 19.55
N ILE B 238 -5.93 -11.98 19.24
CA ILE B 238 -5.72 -10.88 20.20
C ILE B 238 -6.51 -11.14 21.49
N LYS B 239 -7.81 -11.42 21.32
CA LYS B 239 -8.73 -11.59 22.45
C LYS B 239 -8.22 -12.60 23.45
N LYS B 240 -7.63 -13.68 22.92
CA LYS B 240 -7.07 -14.74 23.75
C LYS B 240 -5.89 -14.25 24.58
N MET B 241 -5.05 -13.41 23.98
CA MET B 241 -3.91 -12.83 24.70
C MET B 241 -4.42 -11.90 25.78
N MET B 242 -5.44 -11.13 25.43
CA MET B 242 -6.09 -10.18 26.34
C MET B 242 -6.60 -10.83 27.63
N ALA B 243 -7.17 -12.02 27.49
CA ALA B 243 -7.73 -12.74 28.64
C ALA B 243 -6.65 -13.43 29.47
N THR B 244 -5.50 -13.68 28.86
CA THR B 244 -4.48 -14.54 29.46
C THR B 244 -3.21 -13.84 29.96
N TYR B 245 -2.88 -12.67 29.40
CA TYR B 245 -1.65 -11.97 29.79
C TYR B 245 -1.69 -11.49 31.25
N LYS B 246 -0.68 -11.88 32.03
CA LYS B 246 -0.64 -11.57 33.48
C LYS B 246 0.10 -10.28 33.82
N GLU B 247 -0.13 -9.79 35.05
CA GLU B 247 0.35 -8.48 35.52
C GLU B 247 -0.14 -7.31 34.64
N THR C 3 1.17 17.08 14.91
CA THR C 3 -0.23 16.59 15.05
C THR C 3 -0.34 15.12 15.49
N THR C 4 -1.20 14.86 16.48
CA THR C 4 -1.34 13.52 17.07
C THR C 4 -2.51 12.73 16.49
N ALA C 5 -2.52 11.42 16.77
CA ALA C 5 -3.58 10.54 16.31
C ALA C 5 -4.93 10.95 16.86
N LYS C 6 -4.93 11.43 18.11
CA LYS C 6 -6.15 11.90 18.76
C LYS C 6 -6.65 13.20 18.14
N GLU C 7 -5.72 14.09 17.82
CA GLU C 7 -6.04 15.37 17.18
C GLU C 7 -6.58 15.18 15.76
N GLU C 8 -6.06 14.17 15.06
CA GLU C 8 -6.48 13.86 13.68
C GLU C 8 -7.94 13.42 13.59
N MET C 9 -8.36 12.58 14.52
CA MET C 9 -9.73 12.08 14.57
C MET C 9 -10.69 13.19 14.93
N GLU C 10 -10.31 13.98 15.93
CA GLU C 10 -11.13 15.09 16.40
C GLU C 10 -11.38 16.07 15.25
N ARG C 11 -10.41 16.20 14.34
CA ARG C 11 -10.52 17.08 13.17
C ARG C 11 -11.27 16.42 12.02
N PHE C 12 -11.03 15.12 11.81
CA PHE C 12 -11.80 14.33 10.85
C PHE C 12 -13.29 14.56 11.04
N TRP C 13 -13.77 14.42 12.27
CA TRP C 13 -15.19 14.56 12.59
C TRP C 13 -15.69 16.00 12.51
N ASN C 14 -14.82 16.95 12.87
CA ASN C 14 -15.11 18.37 12.68
C ASN C 14 -15.32 18.72 11.22
N LYS C 15 -14.51 18.10 10.35
CA LYS C 15 -14.52 18.40 8.92
C LYS C 15 -15.77 17.86 8.23
N ASN C 16 -16.06 16.57 8.46
CA ASN C 16 -17.10 15.87 7.74
C ASN C 16 -18.54 16.20 8.17
N LEU C 17 -18.76 16.35 9.47
CA LEU C 17 -20.09 16.64 10.02
C LEU C 17 -20.61 18.01 9.61
N GLY C 18 -19.70 18.97 9.44
CA GLY C 18 -20.05 20.32 9.01
C GLY C 18 -19.97 20.52 7.50
N SER C 19 -19.80 19.42 6.77
CA SER C 19 -19.71 19.44 5.31
C SER C 19 -20.93 18.81 4.65
N ASN C 20 -21.12 19.10 3.37
CA ASN C 20 -22.23 18.53 2.60
C ASN C 20 -21.91 17.16 1.98
N ARG C 21 -20.90 16.48 2.55
CA ARG C 21 -20.49 15.16 2.09
C ARG C 21 -21.52 14.09 2.45
N PRO C 22 -21.80 13.16 1.51
CA PRO C 22 -22.74 12.06 1.76
C PRO C 22 -22.05 10.75 2.19
N LEU C 23 -22.75 9.97 3.00
CA LEU C 23 -22.25 8.66 3.40
C LEU C 23 -22.44 7.66 2.28
N SER C 24 -21.35 7.04 1.86
CA SER C 24 -21.39 5.97 0.86
C SER C 24 -22.32 4.85 1.34
N PRO C 25 -23.23 4.39 0.48
CA PRO C 25 -24.18 3.33 0.84
C PRO C 25 -23.49 2.07 1.35
N HIS C 26 -24.15 1.38 2.28
CA HIS C 26 -23.56 0.23 2.98
C HIS C 26 -24.48 -1.00 2.97
N ILE C 27 -25.46 -1.04 3.88
CA ILE C 27 -26.41 -2.15 3.92
C ILE C 27 -27.24 -2.24 2.64
N THR C 28 -27.34 -1.13 1.93
CA THR C 28 -28.13 -1.02 0.70
C THR C 28 -27.48 -1.80 -0.43
N ILE C 29 -26.15 -1.83 -0.46
CA ILE C 29 -25.44 -2.36 -1.62
C ILE C 29 -24.50 -3.55 -1.39
N TYR C 30 -24.10 -3.79 -0.14
CA TYR C 30 -23.12 -4.83 0.14
C TYR C 30 -23.63 -6.26 -0.09
N ARG C 31 -22.73 -7.11 -0.56
CA ARG C 31 -23.03 -8.51 -0.93
C ARG C 31 -23.53 -9.37 0.23
N TRP C 32 -24.73 -9.92 0.08
CA TRP C 32 -25.30 -10.87 1.02
C TRP C 32 -24.49 -12.17 1.05
N SER C 33 -24.17 -12.62 2.26
CA SER C 33 -23.47 -13.88 2.45
C SER C 33 -24.17 -14.68 3.55
N LEU C 34 -23.96 -15.99 3.58
CA LEU C 34 -24.48 -16.81 4.68
C LEU C 34 -23.94 -16.39 6.05
N PRO C 35 -22.61 -16.18 6.17
CA PRO C 35 -22.06 -15.68 7.45
C PRO C 35 -22.81 -14.45 7.94
N MET C 36 -23.03 -13.49 7.04
CA MET C 36 -23.81 -12.29 7.33
C MET C 36 -25.17 -12.60 7.91
N ALA C 37 -25.98 -13.31 7.12
CA ALA C 37 -27.32 -13.66 7.55
C ALA C 37 -27.29 -14.35 8.91
N MET C 38 -26.28 -15.19 9.14
CA MET C 38 -26.16 -15.95 10.38
C MET C 38 -25.73 -15.12 11.60
N SER C 39 -24.96 -14.06 11.35
CA SER C 39 -24.65 -13.09 12.41
C SER C 39 -25.90 -12.30 12.79
N ILE C 40 -26.68 -11.92 11.78
CA ILE C 40 -27.94 -11.20 11.98
C ILE C 40 -28.91 -12.04 12.81
N CYS C 41 -29.10 -13.29 12.39
CA CYS C 41 -30.02 -14.22 13.03
C CYS C 41 -29.64 -14.55 14.47
N HIS C 42 -28.34 -14.53 14.77
CA HIS C 42 -27.89 -14.76 16.14
C HIS C 42 -28.32 -13.63 17.07
N ARG C 43 -28.25 -12.38 16.60
CA ARG C 43 -28.79 -11.22 17.32
C ARG C 43 -30.28 -11.32 17.49
N GLY C 44 -30.97 -11.63 16.39
CA GLY C 44 -32.43 -11.71 16.37
C GLY C 44 -32.95 -12.74 17.36
N THR C 45 -32.42 -13.96 17.24
CA THR C 45 -32.78 -15.04 18.15
C THR C 45 -32.36 -14.73 19.58
N GLY C 46 -31.20 -14.10 19.73
CA GLY C 46 -30.70 -13.68 21.04
C GLY C 46 -31.66 -12.74 21.75
N ILE C 47 -32.11 -11.73 21.02
CA ILE C 47 -33.07 -10.73 21.51
C ILE C 47 -34.42 -11.39 21.84
N ALA C 48 -34.97 -12.13 20.88
CA ALA C 48 -36.28 -12.76 21.04
C ALA C 48 -36.36 -13.63 22.30
N LEU C 49 -35.29 -14.40 22.55
CA LEU C 49 -35.19 -15.29 23.70
C LEU C 49 -35.19 -14.56 25.06
N SER C 50 -34.46 -13.45 25.15
CA SER C 50 -34.42 -12.64 26.38
C SER C 50 -35.76 -11.96 26.63
N ALA C 51 -36.39 -11.51 25.55
CA ALA C 51 -37.74 -10.95 25.60
C ALA C 51 -38.74 -11.96 26.15
N GLY C 52 -38.62 -13.22 25.70
CA GLY C 52 -39.47 -14.30 26.17
C GLY C 52 -39.23 -14.66 27.61
N VAL C 53 -37.95 -14.70 28.00
CA VAL C 53 -37.56 -14.99 29.37
C VAL C 53 -38.08 -13.90 30.32
N SER C 54 -37.86 -12.63 29.95
CA SER C 54 -38.30 -11.49 30.74
C SER C 54 -39.82 -11.38 30.84
N LEU C 55 -40.51 -11.75 29.76
CA LEU C 55 -41.98 -11.78 29.76
C LEU C 55 -42.50 -12.87 30.68
N PHE C 56 -41.77 -13.97 30.76
CA PHE C 56 -42.12 -15.05 31.67
C PHE C 56 -41.90 -14.67 33.14
N GLY C 57 -40.81 -13.94 33.40
CA GLY C 57 -40.50 -13.48 34.74
C GLY C 57 -41.41 -12.35 35.19
N LEU C 58 -41.67 -11.41 34.29
CA LEU C 58 -42.49 -10.23 34.61
C LEU C 58 -43.95 -10.59 34.88
N SER C 59 -44.54 -11.39 34.01
CA SER C 59 -45.91 -11.84 34.20
C SER C 59 -46.08 -12.70 35.46
N ALA C 60 -45.00 -13.36 35.88
CA ALA C 60 -44.99 -14.14 37.12
C ALA C 60 -45.06 -13.23 38.36
N LEU C 61 -44.66 -11.97 38.19
CA LEU C 61 -44.75 -10.97 39.25
C LEU C 61 -45.99 -10.12 39.18
N LEU C 62 -46.42 -9.80 37.95
CA LEU C 62 -47.47 -8.82 37.75
C LEU C 62 -48.88 -9.42 37.61
N LEU C 63 -48.97 -10.60 36.99
CA LEU C 63 -50.27 -11.22 36.74
C LEU C 63 -50.72 -12.15 37.87
N PRO C 64 -52.05 -12.22 38.11
CA PRO C 64 -52.59 -13.07 39.18
C PRO C 64 -52.73 -14.52 38.75
N GLY C 65 -53.02 -15.40 39.70
CA GLY C 65 -53.23 -16.83 39.44
C GLY C 65 -51.93 -17.62 39.27
N ASN C 66 -51.98 -18.90 39.63
CA ASN C 66 -50.80 -19.77 39.49
C ASN C 66 -50.60 -20.25 38.06
N PHE C 67 -49.48 -20.95 37.82
CA PHE C 67 -49.13 -21.40 36.47
C PHE C 67 -50.16 -22.35 35.86
N GLU C 68 -50.74 -23.22 36.67
CA GLU C 68 -51.81 -24.14 36.21
C GLU C 68 -53.01 -23.37 35.69
N SER C 69 -53.37 -22.29 36.40
CA SER C 69 -54.46 -21.41 36.01
C SER C 69 -54.21 -20.76 34.66
N HIS C 70 -52.94 -20.55 34.33
CA HIS C 70 -52.56 -20.00 33.03
C HIS C 70 -52.59 -21.04 31.93
N LEU C 71 -52.18 -22.27 32.23
CA LEU C 71 -52.24 -23.37 31.27
C LEU C 71 -53.67 -23.77 30.95
N GLU C 72 -54.50 -23.90 31.99
CA GLU C 72 -55.91 -24.22 31.83
C GLU C 72 -56.62 -23.23 30.92
N LEU C 73 -56.05 -22.03 30.81
CA LEU C 73 -56.58 -20.99 29.93
C LEU C 73 -56.21 -21.23 28.46
N VAL C 74 -55.06 -21.86 28.23
CA VAL C 74 -54.63 -22.24 26.88
C VAL C 74 -55.50 -23.37 26.34
N LYS C 75 -55.81 -24.33 27.22
CA LYS C 75 -56.70 -25.45 26.90
C LYS C 75 -58.12 -24.98 26.51
N SER C 76 -58.51 -23.79 26.99
CA SER C 76 -59.84 -23.22 26.73
C SER C 76 -60.12 -23.04 25.24
N LEU C 77 -59.30 -22.25 24.57
CA LEU C 77 -59.32 -22.20 23.10
C LEU C 77 -58.44 -23.34 22.59
N CYS C 78 -58.96 -24.56 22.72
CA CYS C 78 -58.24 -25.78 22.39
C CYS C 78 -57.86 -25.86 20.91
N LEU C 79 -56.60 -25.55 20.65
CA LEU C 79 -56.05 -25.56 19.30
C LEU C 79 -55.81 -27.01 18.86
N GLY C 80 -55.82 -27.23 17.55
CA GLY C 80 -55.58 -28.56 16.99
C GLY C 80 -54.18 -29.07 17.31
N PRO C 81 -54.02 -30.40 17.52
CA PRO C 81 -52.73 -31.00 17.87
C PRO C 81 -51.56 -30.53 17.01
N THR C 82 -51.81 -30.24 15.73
CA THR C 82 -50.76 -29.70 14.84
C THR C 82 -50.47 -28.22 15.11
N LEU C 83 -51.52 -27.45 15.40
CA LEU C 83 -51.35 -26.03 15.74
C LEU C 83 -50.61 -25.84 17.06
N ILE C 84 -50.76 -26.80 17.98
CA ILE C 84 -50.05 -26.80 19.26
C ILE C 84 -48.58 -27.16 19.03
N TYR C 85 -48.34 -28.03 18.05
CA TYR C 85 -47.00 -28.41 17.62
C TYR C 85 -46.31 -27.23 16.95
N THR C 86 -47.08 -26.39 16.24
CA THR C 86 -46.57 -25.19 15.59
C THR C 86 -46.03 -24.19 16.61
N ALA C 87 -46.85 -23.89 17.62
CA ALA C 87 -46.44 -23.02 18.71
C ALA C 87 -45.20 -23.60 19.41
N LYS C 88 -45.19 -24.92 19.55
CA LYS C 88 -44.10 -25.65 20.20
C LYS C 88 -42.81 -25.62 19.38
N PHE C 89 -42.95 -25.67 18.05
CA PHE C 89 -41.83 -25.59 17.12
C PHE C 89 -41.29 -24.16 17.06
N GLY C 90 -42.20 -23.19 17.17
CA GLY C 90 -41.85 -21.76 17.09
C GLY C 90 -41.11 -21.25 18.30
N ILE C 91 -41.17 -22.01 19.38
CA ILE C 91 -40.42 -21.71 20.59
C ILE C 91 -39.03 -22.33 20.48
N VAL C 92 -38.98 -23.62 20.17
CA VAL C 92 -37.73 -24.37 20.13
C VAL C 92 -36.79 -23.93 18.99
N PHE C 93 -37.37 -23.50 17.88
CA PHE C 93 -36.59 -23.09 16.72
C PHE C 93 -35.54 -22.01 17.02
N PRO C 94 -35.98 -20.82 17.50
CA PRO C 94 -34.98 -19.80 17.80
C PRO C 94 -33.98 -20.23 18.88
N LEU C 95 -34.46 -20.98 19.89
CA LEU C 95 -33.61 -21.49 20.95
C LEU C 95 -32.50 -22.36 20.38
N MET C 96 -32.88 -23.33 19.56
CA MET C 96 -31.92 -24.28 18.99
C MET C 96 -30.93 -23.62 18.04
N TYR C 97 -31.42 -22.71 17.20
CA TYR C 97 -30.55 -21.98 16.30
C TYR C 97 -29.46 -21.25 17.09
N HIS C 98 -29.89 -20.43 18.05
CA HIS C 98 -28.99 -19.66 18.89
C HIS C 98 -28.06 -20.58 19.68
N THR C 99 -28.55 -21.72 20.13
CA THR C 99 -27.71 -22.66 20.91
C THR C 99 -26.58 -23.22 20.05
N TRP C 100 -26.94 -23.78 18.89
CA TRP C 100 -25.94 -24.36 17.99
C TRP C 100 -24.97 -23.32 17.45
N ASN C 101 -25.50 -22.21 16.93
CA ASN C 101 -24.65 -21.10 16.47
C ASN C 101 -23.82 -20.52 17.60
N GLY C 102 -24.37 -20.61 18.82
CA GLY C 102 -23.65 -20.23 20.04
C GLY C 102 -22.40 -21.04 20.26
N ILE C 103 -22.52 -22.36 20.15
CA ILE C 103 -21.37 -23.26 20.26
C ILE C 103 -20.31 -22.89 19.22
N ARG C 104 -20.77 -22.62 17.99
CA ARG C 104 -19.91 -22.19 16.91
C ARG C 104 -19.17 -20.91 17.31
N HIS C 105 -19.90 -19.93 17.82
CA HIS C 105 -19.27 -18.71 18.31
C HIS C 105 -18.18 -19.01 19.34
N LEU C 106 -18.44 -19.99 20.21
CA LEU C 106 -17.49 -20.38 21.26
C LEU C 106 -16.25 -21.06 20.69
N ILE C 107 -16.45 -21.98 19.75
CA ILE C 107 -15.33 -22.61 19.05
C ILE C 107 -14.41 -21.53 18.44
N TRP C 108 -15.04 -20.51 17.86
CA TRP C 108 -14.32 -19.37 17.29
C TRP C 108 -13.43 -18.68 18.33
N ASP C 109 -13.99 -18.43 19.52
CA ASP C 109 -13.28 -17.69 20.56
C ASP C 109 -12.05 -18.45 21.06
N LEU C 110 -12.06 -19.77 20.90
CA LEU C 110 -10.88 -20.60 21.16
C LEU C 110 -9.80 -20.38 20.11
N GLY C 111 -10.17 -19.79 18.98
CA GLY C 111 -9.26 -19.52 17.87
C GLY C 111 -9.45 -20.45 16.70
N LYS C 112 -10.26 -21.49 16.91
CA LYS C 112 -10.45 -22.56 15.92
C LYS C 112 -11.52 -22.26 14.86
N GLY C 113 -11.27 -22.78 13.65
CA GLY C 113 -12.24 -22.80 12.56
C GLY C 113 -12.56 -21.47 11.88
N LEU C 114 -11.55 -20.61 11.78
CA LEU C 114 -11.78 -19.25 11.26
C LEU C 114 -11.26 -19.00 9.83
N THR C 115 -11.65 -19.86 8.89
CA THR C 115 -11.36 -19.61 7.47
C THR C 115 -12.64 -19.58 6.67
N ILE C 116 -12.61 -18.90 5.52
CA ILE C 116 -13.79 -18.76 4.67
C ILE C 116 -14.49 -20.10 4.35
N PRO C 117 -13.71 -21.15 4.01
CA PRO C 117 -14.37 -22.45 3.82
C PRO C 117 -14.95 -23.02 5.11
N GLN C 118 -14.23 -22.88 6.23
CA GLN C 118 -14.69 -23.39 7.51
C GLN C 118 -15.96 -22.68 8.00
N LEU C 119 -16.09 -21.41 7.65
CA LEU C 119 -17.28 -20.62 7.97
C LEU C 119 -18.52 -21.16 7.26
N THR C 120 -18.41 -21.33 5.94
CA THR C 120 -19.53 -21.80 5.13
C THR C 120 -19.92 -23.23 5.50
N GLN C 121 -18.91 -24.05 5.82
CA GLN C 121 -19.13 -25.44 6.26
C GLN C 121 -19.81 -25.54 7.62
N SER C 122 -19.21 -24.93 8.64
CA SER C 122 -19.77 -24.90 9.99
C SER C 122 -21.11 -24.18 10.02
N GLY C 123 -21.30 -23.25 9.09
CA GLY C 123 -22.56 -22.55 8.91
C GLY C 123 -23.70 -23.49 8.54
N VAL C 124 -23.45 -24.37 7.57
CA VAL C 124 -24.46 -25.34 7.13
C VAL C 124 -24.69 -26.39 8.21
N VAL C 125 -23.62 -26.81 8.90
CA VAL C 125 -23.76 -27.77 9.99
C VAL C 125 -24.68 -27.24 11.10
N VAL C 126 -24.54 -25.96 11.43
CA VAL C 126 -25.44 -25.32 12.39
C VAL C 126 -26.87 -25.30 11.87
N LEU C 127 -27.03 -24.88 10.62
CA LEU C 127 -28.34 -24.76 9.99
C LEU C 127 -29.08 -26.10 10.00
N ILE C 128 -28.38 -27.16 9.59
CA ILE C 128 -28.93 -28.52 9.58
C ILE C 128 -29.24 -29.02 10.99
N LEU C 129 -28.35 -28.74 11.93
CA LEU C 129 -28.54 -29.14 13.33
C LEU C 129 -29.72 -28.45 14.00
N THR C 130 -30.04 -27.23 13.56
CA THR C 130 -31.22 -26.52 14.05
C THR C 130 -32.49 -27.27 13.65
N VAL C 131 -32.67 -27.48 12.34
CA VAL C 131 -33.87 -28.12 11.80
C VAL C 131 -34.16 -29.49 12.45
N LEU C 132 -33.11 -30.31 12.58
CA LEU C 132 -33.22 -31.64 13.18
C LEU C 132 -33.63 -31.60 14.65
N SER C 133 -32.91 -30.81 15.45
CA SER C 133 -33.18 -30.72 16.88
C SER C 133 -34.49 -29.99 17.18
N SER C 134 -34.90 -29.12 16.27
CA SER C 134 -36.18 -28.41 16.41
C SER C 134 -37.38 -29.31 16.13
N VAL C 135 -37.25 -30.18 15.14
CA VAL C 135 -38.27 -31.17 14.84
C VAL C 135 -38.27 -32.26 15.92
N GLY C 136 -37.07 -32.66 16.34
CA GLY C 136 -36.88 -33.72 17.33
C GLY C 136 -37.38 -33.42 18.73
N LEU C 137 -37.26 -32.15 19.15
CA LEU C 137 -37.73 -31.70 20.47
C LEU C 137 -39.23 -31.45 20.48
N ALA C 138 -39.74 -30.78 19.45
CA ALA C 138 -41.17 -30.49 19.33
C ALA C 138 -42.03 -31.75 19.34
N ALA C 139 -41.43 -32.87 18.92
CA ALA C 139 -42.10 -34.16 18.83
C ALA C 139 -42.04 -34.98 20.15
N MET C 140 -41.28 -34.49 21.12
CA MET C 140 -41.17 -35.14 22.43
C MET C 140 -42.42 -34.90 23.27
N SER D 2 -5.43 1.27 37.11
CA SER D 2 -5.15 0.87 35.71
C SER D 2 -5.58 -0.59 35.48
N SER D 3 -6.79 -0.90 35.96
CA SER D 3 -7.35 -2.26 35.95
C SER D 3 -7.57 -2.85 34.53
N LYS D 4 -7.81 -4.15 34.46
CA LYS D 4 -8.11 -4.81 33.18
C LYS D 4 -9.52 -5.46 33.16
N ALA D 5 -10.53 -4.60 33.28
CA ALA D 5 -11.94 -5.02 33.37
C ALA D 5 -12.54 -5.43 32.03
N ALA D 6 -12.15 -4.76 30.95
CA ALA D 6 -12.68 -5.03 29.62
C ALA D 6 -12.48 -6.50 29.23
N SER D 7 -11.28 -7.02 29.48
CA SER D 7 -10.99 -8.43 29.19
C SER D 7 -11.67 -9.38 30.18
N LEU D 8 -11.66 -9.03 31.47
CA LEU D 8 -12.35 -9.82 32.48
C LEU D 8 -13.84 -10.01 32.17
N HIS D 9 -14.51 -8.91 31.83
CA HIS D 9 -15.93 -8.92 31.48
C HIS D 9 -16.19 -9.89 30.33
N TRP D 10 -15.36 -9.78 29.28
CA TRP D 10 -15.43 -10.65 28.10
C TRP D 10 -15.30 -12.12 28.49
N THR D 11 -14.36 -12.42 29.39
CA THR D 11 -14.18 -13.78 29.88
C THR D 11 -15.43 -14.23 30.60
N GLY D 12 -15.89 -13.39 31.52
CA GLY D 12 -17.13 -13.63 32.27
C GLY D 12 -18.25 -14.13 31.38
N GLU D 13 -18.45 -13.44 30.25
CA GLU D 13 -19.49 -13.79 29.28
C GLU D 13 -19.37 -15.23 28.80
N ARG D 14 -18.17 -15.64 28.38
CA ARG D 14 -17.92 -16.99 27.87
C ARG D 14 -18.01 -18.04 28.98
N VAL D 15 -17.64 -17.65 30.20
CA VAL D 15 -17.74 -18.53 31.34
C VAL D 15 -19.21 -18.88 31.59
N VAL D 16 -20.08 -17.86 31.59
CA VAL D 16 -21.52 -18.13 31.77
C VAL D 16 -22.18 -18.70 30.50
N SER D 17 -21.60 -18.42 29.33
CA SER D 17 -22.04 -19.07 28.10
C SER D 17 -21.92 -20.59 28.24
N VAL D 18 -20.70 -21.06 28.51
CA VAL D 18 -20.44 -22.50 28.65
C VAL D 18 -21.20 -23.10 29.84
N LEU D 19 -21.43 -22.28 30.86
CA LEU D 19 -22.24 -22.66 32.01
C LEU D 19 -23.67 -22.95 31.54
N LEU D 20 -24.30 -21.93 30.94
CA LEU D 20 -25.66 -22.04 30.41
C LEU D 20 -25.85 -23.21 29.44
N LEU D 21 -24.83 -23.48 28.63
CA LEU D 21 -24.84 -24.62 27.71
C LEU D 21 -24.88 -25.93 28.49
N GLY D 22 -24.05 -26.03 29.53
CA GLY D 22 -24.04 -27.23 30.36
C GLY D 22 -25.34 -27.43 31.12
N LEU D 23 -25.97 -26.31 31.47
CA LEU D 23 -27.15 -26.30 32.33
C LEU D 23 -28.45 -26.76 31.68
N LEU D 24 -28.55 -26.66 30.36
CA LEU D 24 -29.75 -27.12 29.65
C LEU D 24 -29.93 -28.64 29.65
N PRO D 25 -28.90 -29.41 29.27
CA PRO D 25 -29.06 -30.85 29.42
C PRO D 25 -29.04 -31.26 30.89
N ALA D 26 -28.29 -30.53 31.71
CA ALA D 26 -28.24 -30.78 33.16
C ALA D 26 -29.62 -30.70 33.80
N ALA D 27 -30.43 -29.74 33.33
CA ALA D 27 -31.79 -29.56 33.81
C ALA D 27 -32.74 -30.65 33.34
N TYR D 28 -32.58 -31.10 32.10
CA TYR D 28 -33.41 -32.17 31.54
C TYR D 28 -33.19 -33.48 32.28
N LEU D 29 -31.91 -33.82 32.48
CA LEU D 29 -31.55 -35.08 33.12
C LEU D 29 -31.82 -35.06 34.62
N ASN D 30 -31.58 -33.90 35.24
CA ASN D 30 -31.75 -33.73 36.67
C ASN D 30 -32.65 -32.52 36.99
N PRO D 31 -33.98 -32.66 36.80
CA PRO D 31 -34.89 -31.55 37.06
C PRO D 31 -35.23 -31.43 38.55
N CYS D 32 -34.81 -30.33 39.16
CA CYS D 32 -35.02 -30.12 40.60
C CYS D 32 -35.02 -28.63 40.95
N SER D 33 -35.36 -28.35 42.21
CA SER D 33 -35.34 -26.99 42.76
C SER D 33 -33.98 -26.31 42.56
N ALA D 34 -32.90 -27.03 42.91
CA ALA D 34 -31.54 -26.51 42.82
C ALA D 34 -31.16 -26.05 41.42
N MET D 35 -31.71 -26.71 40.41
CA MET D 35 -31.47 -26.37 39.01
C MET D 35 -32.30 -25.17 38.59
N ASP D 36 -33.50 -25.05 39.16
CA ASP D 36 -34.42 -23.97 38.86
C ASP D 36 -33.83 -22.59 39.14
N TYR D 37 -33.12 -22.46 40.26
CA TYR D 37 -32.49 -21.19 40.61
C TYR D 37 -31.22 -20.93 39.79
N SER D 38 -30.33 -21.92 39.72
CA SER D 38 -29.09 -21.77 38.96
C SER D 38 -29.37 -21.49 37.50
N LEU D 39 -30.48 -22.04 36.99
CA LEU D 39 -30.92 -21.77 35.63
C LEU D 39 -31.44 -20.34 35.50
N ALA D 40 -32.08 -19.85 36.56
CA ALA D 40 -32.61 -18.49 36.59
C ALA D 40 -31.50 -17.43 36.68
N ALA D 41 -30.44 -17.74 37.41
CA ALA D 41 -29.28 -16.86 37.51
C ALA D 41 -28.51 -16.82 36.19
N ALA D 42 -28.10 -17.99 35.72
CA ALA D 42 -27.33 -18.11 34.49
C ALA D 42 -28.04 -17.50 33.30
N LEU D 43 -29.36 -17.67 33.26
CA LEU D 43 -30.19 -17.18 32.16
C LEU D 43 -30.25 -15.65 32.12
N THR D 44 -30.63 -15.03 33.24
CA THR D 44 -30.76 -13.57 33.29
C THR D 44 -29.43 -12.83 33.12
N LEU D 45 -28.37 -13.34 33.75
CA LEU D 45 -27.04 -12.75 33.62
C LEU D 45 -26.61 -12.71 32.14
N HIS D 46 -26.63 -13.88 31.50
CA HIS D 46 -26.23 -14.01 30.09
C HIS D 46 -27.06 -13.09 29.22
N GLY D 47 -28.37 -13.07 29.46
CA GLY D 47 -29.30 -12.22 28.73
C GLY D 47 -28.99 -10.76 28.94
N HIS D 48 -28.70 -10.40 30.20
CA HIS D 48 -28.36 -9.04 30.61
C HIS D 48 -27.10 -8.52 29.87
N TRP D 49 -26.04 -9.33 29.89
CA TRP D 49 -24.79 -8.97 29.23
C TRP D 49 -24.95 -8.92 27.72
N GLY D 50 -25.75 -9.86 27.19
CA GLY D 50 -26.05 -9.91 25.76
C GLY D 50 -26.68 -8.64 25.24
N ILE D 51 -27.86 -8.30 25.77
CA ILE D 51 -28.55 -7.05 25.41
C ILE D 51 -27.64 -5.84 25.65
N GLY D 52 -26.84 -5.88 26.71
CA GLY D 52 -25.84 -4.85 27.00
C GLY D 52 -24.90 -4.58 25.84
N GLN D 53 -24.60 -5.62 25.07
CA GLN D 53 -23.77 -5.51 23.87
C GLN D 53 -24.54 -4.87 22.72
N VAL D 54 -25.80 -5.24 22.56
CA VAL D 54 -26.68 -4.63 21.57
C VAL D 54 -26.85 -3.14 21.86
N VAL D 55 -26.94 -2.81 23.15
CA VAL D 55 -27.02 -1.43 23.63
C VAL D 55 -25.74 -0.66 23.30
N THR D 56 -24.59 -1.20 23.72
CA THR D 56 -23.31 -0.51 23.47
C THR D 56 -22.98 -0.41 21.98
N ASP D 57 -23.63 -1.23 21.17
CA ASP D 57 -23.44 -1.22 19.71
C ASP D 57 -24.24 -0.13 19.02
N TYR D 58 -25.53 -0.06 19.33
CA TYR D 58 -26.45 0.83 18.61
C TYR D 58 -26.77 2.15 19.30
N VAL D 59 -26.85 2.15 20.63
CA VAL D 59 -27.29 3.34 21.36
C VAL D 59 -26.21 4.43 21.40
N ARG D 60 -26.22 5.28 20.36
CA ARG D 60 -25.28 6.39 20.23
C ARG D 60 -25.85 7.59 20.99
N GLY D 61 -25.13 8.04 22.01
CA GLY D 61 -25.59 9.18 22.79
C GLY D 61 -24.99 9.38 24.16
N ASP D 62 -25.06 10.61 24.62
CA ASP D 62 -24.56 11.03 25.93
C ASP D 62 -25.44 10.41 27.04
N ALA D 63 -26.53 11.09 27.38
CA ALA D 63 -27.44 10.66 28.44
C ALA D 63 -28.35 9.50 28.02
N LEU D 64 -28.26 9.10 26.75
CA LEU D 64 -28.99 7.94 26.25
C LEU D 64 -28.34 6.63 26.64
N GLN D 65 -27.04 6.48 26.32
CA GLN D 65 -26.26 5.30 26.69
C GLN D 65 -26.48 4.95 28.17
N LYS D 66 -26.43 5.98 29.02
CA LYS D 66 -26.67 5.86 30.44
C LYS D 66 -28.08 5.35 30.75
N ALA D 67 -29.07 5.91 30.08
CA ALA D 67 -30.48 5.62 30.34
C ALA D 67 -30.86 4.20 29.97
N ALA D 68 -30.49 3.81 28.75
CA ALA D 68 -30.74 2.46 28.25
C ALA D 68 -30.13 1.42 29.17
N LYS D 69 -28.88 1.66 29.58
CA LYS D 69 -28.18 0.77 30.52
C LYS D 69 -28.87 0.64 31.87
N ALA D 70 -29.49 1.74 32.33
CA ALA D 70 -30.25 1.74 33.58
C ALA D 70 -31.56 0.96 33.42
N GLY D 71 -32.32 1.29 32.37
CA GLY D 71 -33.57 0.59 32.05
C GLY D 71 -33.38 -0.89 31.76
N LEU D 72 -32.22 -1.25 31.22
CA LEU D 72 -31.86 -2.64 31.06
C LEU D 72 -31.59 -3.30 32.42
N LEU D 73 -30.87 -2.61 33.29
CA LEU D 73 -30.57 -3.10 34.63
C LEU D 73 -31.86 -3.38 35.42
N ALA D 74 -32.81 -2.45 35.33
CA ALA D 74 -34.12 -2.62 35.97
C ALA D 74 -34.81 -3.87 35.46
N LEU D 75 -34.93 -3.96 34.13
CA LEU D 75 -35.58 -5.09 33.47
C LEU D 75 -34.92 -6.42 33.85
N SER D 76 -33.59 -6.43 33.90
CA SER D 76 -32.82 -7.62 34.31
C SER D 76 -33.10 -8.02 35.75
N ALA D 77 -33.05 -7.03 36.65
CA ALA D 77 -33.31 -7.26 38.06
C ALA D 77 -34.74 -7.76 38.26
N PHE D 78 -35.69 -7.09 37.62
CA PHE D 78 -37.10 -7.48 37.68
C PHE D 78 -37.30 -8.91 37.18
N THR D 79 -36.52 -9.29 36.17
CA THR D 79 -36.60 -10.63 35.61
C THR D 79 -36.07 -11.67 36.60
N PHE D 80 -34.87 -11.46 37.14
CA PHE D 80 -34.29 -12.43 38.08
C PHE D 80 -35.18 -12.68 39.30
N ALA D 81 -35.81 -11.61 39.80
CA ALA D 81 -36.74 -11.75 40.91
C ALA D 81 -37.99 -12.52 40.48
N GLY D 82 -38.63 -12.05 39.41
CA GLY D 82 -39.81 -12.70 38.85
C GLY D 82 -39.66 -14.20 38.66
N LEU D 83 -38.47 -14.61 38.21
CA LEU D 83 -38.11 -16.02 38.09
C LEU D 83 -37.96 -16.70 39.44
N CYS D 84 -37.21 -16.07 40.34
CA CYS D 84 -37.00 -16.61 41.67
C CYS D 84 -38.31 -16.74 42.44
N TYR D 85 -39.22 -15.79 42.22
CA TYR D 85 -40.57 -15.87 42.78
C TYR D 85 -41.30 -17.10 42.23
N PHE D 86 -41.07 -17.38 40.96
CA PHE D 86 -41.72 -18.50 40.30
C PHE D 86 -41.20 -19.85 40.83
N ASN D 87 -39.92 -19.88 41.18
CA ASN D 87 -39.27 -21.07 41.72
C ASN D 87 -39.68 -21.32 43.17
N TYR D 88 -39.91 -20.24 43.91
CA TYR D 88 -40.32 -20.35 45.31
C TYR D 88 -41.81 -20.67 45.42
N HIS D 89 -42.63 -19.85 44.78
CA HIS D 89 -44.08 -19.87 45.00
C HIS D 89 -44.90 -20.57 43.91
N ASP D 90 -44.22 -21.26 43.00
CA ASP D 90 -44.88 -22.04 41.95
C ASP D 90 -44.02 -23.26 41.61
N VAL D 91 -44.36 -23.95 40.53
CA VAL D 91 -43.72 -25.20 40.15
C VAL D 91 -42.25 -25.04 39.68
N GLY D 92 -41.87 -23.84 39.31
CA GLY D 92 -40.49 -23.54 38.90
C GLY D 92 -40.24 -23.72 37.43
N ILE D 93 -39.12 -23.18 36.95
CA ILE D 93 -38.78 -23.21 35.53
C ILE D 93 -38.85 -24.61 34.92
N CYS D 94 -38.29 -25.59 35.65
CA CYS D 94 -38.22 -26.97 35.15
C CYS D 94 -39.58 -27.61 34.98
N LYS D 95 -40.31 -27.77 36.08
CA LYS D 95 -41.61 -28.44 36.06
C LYS D 95 -42.62 -27.71 35.17
N ALA D 96 -42.47 -26.39 35.06
CA ALA D 96 -43.36 -25.56 34.23
C ALA D 96 -43.21 -25.84 32.75
N VAL D 97 -41.96 -26.05 32.32
CA VAL D 97 -41.65 -26.45 30.95
C VAL D 97 -42.21 -27.86 30.70
N ALA D 98 -41.95 -28.76 31.66
CA ALA D 98 -42.41 -30.14 31.61
C ALA D 98 -43.92 -30.27 31.43
N MET D 99 -44.66 -29.40 32.11
CA MET D 99 -46.12 -29.35 31.99
C MET D 99 -46.53 -28.80 30.63
N LEU D 100 -45.87 -27.73 30.22
CA LEU D 100 -46.16 -27.04 28.96
C LEU D 100 -45.98 -27.94 27.75
N TRP D 101 -45.02 -28.86 27.83
CA TRP D 101 -44.63 -29.67 26.69
C TRP D 101 -45.58 -30.82 26.40
N LYS D 102 -45.85 -31.67 27.40
CA LYS D 102 -46.85 -32.73 27.23
C LYS D 102 -48.26 -32.15 27.34
N LEU D 103 -48.62 -31.33 26.35
CA LEU D 103 -49.89 -30.63 26.30
C LEU D 103 -50.43 -30.60 24.86
PA FAD E . 9.01 6.91 -5.10
O1A FAD E . 8.75 5.49 -4.65
O2A FAD E . 9.47 6.91 -6.54
O5B FAD E . 7.67 7.77 -4.88
C5B FAD E . 7.60 9.13 -5.26
C4B FAD E . 7.11 10.01 -4.10
O4B FAD E . 7.13 11.37 -4.47
C3B FAD E . 5.68 9.71 -3.69
O3B FAD E . 5.63 9.79 -2.29
C2B FAD E . 4.85 10.81 -4.29
O2B FAD E . 3.75 11.15 -3.47
C1B FAD E . 5.84 11.96 -4.36
N9A FAD E . 5.56 12.87 -5.50
C8A FAD E . 5.80 12.63 -6.82
N7A FAD E . 5.40 13.71 -7.53
C5A FAD E . 4.92 14.64 -6.67
C6A FAD E . 4.37 15.91 -6.87
N6A FAD E . 3.83 16.21 -8.04
N1A FAD E . 3.95 16.64 -5.76
C2A FAD E . 4.06 16.11 -4.48
N3A FAD E . 4.59 14.85 -4.31
C4A FAD E . 5.01 14.12 -5.38
N1 FAD E . 14.95 -0.98 -6.20
C2 FAD E . 15.70 -1.77 -5.36
O2 FAD E . 16.77 -1.33 -4.92
N3 FAD E . 15.24 -3.04 -5.00
C4 FAD E . 14.03 -3.49 -5.50
O4 FAD E . 13.66 -4.61 -5.17
C4X FAD E . 13.27 -2.69 -6.36
N5 FAD E . 12.07 -3.11 -6.89
C5X FAD E . 11.33 -2.30 -7.74
C6 FAD E . 10.11 -2.74 -8.26
C7 FAD E . 9.36 -1.92 -9.12
C7M FAD E . 8.05 -2.40 -9.69
C8 FAD E . 9.86 -0.65 -9.45
C8M FAD E . 9.12 0.25 -10.38
C9 FAD E . 11.08 -0.23 -8.93
C9A FAD E . 11.81 -1.05 -8.08
N10 FAD E . 13.02 -0.61 -7.57
C10 FAD E . 13.74 -1.43 -6.71
C1' FAD E . 13.51 0.75 -7.91
C2' FAD E . 13.11 1.61 -6.70
O2' FAD E . 11.97 1.02 -6.07
C3' FAD E . 12.79 3.07 -6.99
O3' FAD E . 13.91 3.67 -7.60
C4' FAD E . 12.44 3.78 -5.69
O4' FAD E . 11.26 3.22 -5.15
C5' FAD E . 12.25 5.28 -5.83
O5' FAD E . 11.76 5.76 -4.59
P FAD E . 11.67 7.33 -4.23
O1P FAD E . 12.23 7.56 -2.85
O2P FAD E . 12.39 8.20 -5.25
O3P FAD E . 10.10 7.64 -4.16
C1 MLI F . 14.98 -5.66 -8.94
C2 MLI F . 13.61 -6.30 -8.95
C3 MLI F . 14.91 -4.16 -8.81
O6 MLI F . 13.29 -6.95 -9.96
O7 MLI F . 12.86 -6.14 -7.97
O8 MLI F . 15.79 -3.59 -8.12
O9 MLI F . 14.00 -3.53 -9.38
FE1 FES G . -5.08 -0.94 -7.13
FE2 FES G . -2.30 -0.10 -6.62
S1 FES G . -3.68 -1.39 -5.51
S2 FES G . -3.98 0.89 -7.62
FE1 SF4 H . -4.84 -5.25 4.82
FE2 SF4 H . -6.74 -4.38 3.10
FE3 SF4 H . -6.58 -7.05 3.74
FE4 SF4 H . -7.46 -5.28 5.54
S1 SF4 H . -8.50 -5.79 3.54
S2 SF4 H . -5.93 -6.93 5.94
S3 SF4 H . -6.19 -3.41 5.12
S4 SF4 H . -5.01 -5.83 2.60
N F6A I . -25.11 -6.25 11.49
O F6A I . -25.51 -4.77 13.14
C1 F6A I . -23.01 -5.35 14.94
F1 F6A I . -22.87 -4.78 13.77
C2 F6A I . -23.73 -6.67 14.82
F2 F6A I . -23.74 -4.59 15.72
C3 F6A I . -24.77 -6.92 13.79
F3 F6A I . -21.81 -5.54 15.46
C4 F6A I . -25.38 -8.17 13.75
C5 F6A I . -25.02 -9.15 14.66
C6 F6A I . -24.05 -8.91 15.64
C7 F6A I . -23.40 -7.69 15.72
C8 F6A I . -25.18 -5.89 12.78
C9 F6A I . -25.96 -5.84 10.52
C10 F6A I . -25.61 -6.14 9.20
C11 F6A I . -26.44 -5.75 8.14
C12 F6A I . -27.63 -5.07 8.42
C13 F6A I . -27.98 -4.77 9.73
C14 F6A I . -27.15 -5.16 10.78
C15 F6A I . -26.04 -6.10 6.76
C16 F6A I . -26.99 -6.58 5.85
C17 F6A I . -26.63 -6.93 4.55
C18 F6A I . -25.30 -6.80 4.15
C19 F6A I . -24.34 -6.32 5.05
C20 F6A I . -24.70 -5.97 6.35
FE1 F3S J . -14.01 -9.38 11.62
FE3 F3S J . -15.85 -8.22 12.76
FE4 F3S J . -15.23 -6.87 11.39
S1 F3S J . -14.61 -9.80 13.68
S2 F3S J . -13.58 -7.49 12.70
S3 F3S J . -15.88 -8.81 10.61
S4 F3S J . -17.05 -6.42 12.53
CHA HEM K . -25.33 -13.96 22.61
CHB HEM K . -29.52 -14.44 24.96
CHC HEM K . -28.87 -19.25 25.03
CHD HEM K . -24.29 -18.60 23.64
C1A HEM K . -26.56 -13.66 23.18
C2A HEM K . -27.20 -12.37 23.17
C3A HEM K . -28.37 -12.50 23.84
C4A HEM K . -28.48 -13.89 24.25
CMA HEM K . -29.41 -11.39 24.10
CAA HEM K . -26.65 -11.07 22.54
CBA HEM K . -26.85 -11.07 21.03
CGA HEM K . -25.65 -10.43 20.37
O1A HEM K . -25.47 -10.61 19.13
O2A HEM K . -24.86 -9.74 21.06
C1B HEM K . -29.72 -15.78 25.18
C2B HEM K . -30.87 -16.38 25.85
C3B HEM K . -30.69 -17.71 25.85
C4B HEM K . -29.42 -18.00 25.21
CMB HEM K . -32.09 -15.62 26.42
CAB HEM K . -31.66 -18.75 26.45
CBB HEM K . -31.40 -19.26 27.65
C1C HEM K . -27.56 -19.51 24.72
C2C HEM K . -26.87 -20.79 24.81
C3C HEM K . -25.60 -20.61 24.43
C4C HEM K . -25.44 -19.21 24.09
CMC HEM K . -27.45 -22.15 25.27
CAC HEM K . -24.51 -21.69 24.38
CBC HEM K . -23.99 -22.06 23.21
C1D HEM K . -24.12 -17.29 23.28
C2D HEM K . -22.85 -16.68 22.92
C3D HEM K . -23.18 -15.22 22.59
C4D HEM K . -24.61 -15.11 22.79
CMD HEM K . -21.46 -17.36 22.89
CAD HEM K . -22.21 -14.09 22.16
CBD HEM K . -21.72 -14.26 20.73
CGD HEM K . -20.87 -13.05 20.36
O1D HEM K . -21.47 -11.98 20.03
O2D HEM K . -19.61 -13.17 20.38
NA HEM K . -27.36 -14.56 23.83
NB HEM K . -28.86 -16.80 24.82
NC HEM K . -26.65 -18.57 24.27
ND HEM K . -25.13 -16.33 23.19
FE HEM K . -26.98 -16.58 24.02
C1 EPH L . -39.70 -32.44 28.44
C2 EPH L . -39.19 -32.71 29.86
C4 EPH L . -38.44 -30.66 27.21
O2 EPH L . -39.54 -31.08 28.06
O4 EPH L . -37.37 -31.26 27.29
C18 EPH L . -38.61 -29.48 26.26
C19 EPH L . -37.27 -28.97 25.69
C20 EPH L . -36.94 -27.55 26.12
C21 EPH L . -37.81 -26.52 25.39
C22 EPH L . -37.53 -25.08 25.84
C23 EPH L . -38.43 -24.63 26.98
C24 EPH L . -39.69 -23.93 26.48
C25 EPH L . -39.79 -22.52 27.06
C26 EPH L . -40.97 -22.36 28.00
C27 EPH L . -40.95 -21.01 28.71
C28 EPH L . -40.41 -21.15 30.13
C29 EPH L . -39.53 -19.97 30.50
C30 EPH L . -38.07 -20.39 30.67
C31 EPH L . -37.34 -19.44 31.59
C37 EPH L . -40.28 -33.49 30.59
O5 EPH L . -39.97 -34.88 30.51
C3 EPH L . -37.81 -31.58 31.57
O1 EPH L . -38.90 -31.50 30.58
O3 EPH L . -37.48 -32.66 32.03
C5 EPH L . -37.11 -30.31 32.04
C6 EPH L . -36.80 -29.38 30.88
C7 EPH L . -35.59 -28.49 31.16
C8 EPH L . -35.26 -27.63 29.94
C9 EPH L . -34.67 -26.27 30.32
C10 EPH L . -35.49 -25.12 29.74
C11 EPH L . -34.61 -23.99 29.17
C12 EPH L . -35.28 -22.63 29.29
C13 EPH L . -35.04 -21.73 28.08
C14 EPH L . -36.35 -21.15 27.54
C15 EPH L . -36.16 -19.92 26.66
C16 EPH L . -37.38 -19.00 26.69
C17 EPH L . -38.12 -18.93 25.36
P1 EPH L . -39.68 -35.74 31.84
O6 EPH L . -38.74 -34.91 32.87
O7 EPH L . -41.06 -36.16 32.51
O8 EPH L . -38.87 -37.04 31.30
C38 EPH L . -37.44 -37.06 31.18
C39 EPH L . -36.86 -38.26 31.92
N1 EPH L . -35.67 -37.86 32.62
#